data_3T8P
# 
_entry.id   3T8P 
# 
_audit_conform.dict_name       mmcif_pdbx.dic 
_audit_conform.dict_version    5.380 
_audit_conform.dict_location   http://mmcif.pdb.org/dictionaries/ascii/mmcif_pdbx.dic 
# 
loop_
_database_2.database_id 
_database_2.database_code 
_database_2.pdbx_database_accession 
_database_2.pdbx_DOI 
PDB   3T8P         pdb_00003t8p 10.2210/pdb3t8p/pdb 
NDB   NA1266       ?            ?                   
RCSB  RCSB067177   ?            ?                   
WWPDB D_1000067177 ?            ?                   
# 
_pdbx_database_status.status_code                     REL 
_pdbx_database_status.entry_id                        3T8P 
_pdbx_database_status.recvd_initial_deposition_date   2011-08-01 
_pdbx_database_status.deposit_site                    RCSB 
_pdbx_database_status.process_site                    PDBJ 
_pdbx_database_status.status_code_sf                  REL 
_pdbx_database_status.status_code_mr                  ? 
_pdbx_database_status.SG_entry                        ? 
_pdbx_database_status.status_code_cs                  ? 
_pdbx_database_status.pdb_format_compatible           Y 
_pdbx_database_status.status_code_nmr_data            ? 
_pdbx_database_status.methods_development_category    ? 
# 
loop_
_audit_author.name 
_audit_author.pdbx_ordinal 
'Mandal, P.K.'  1 
'Venkadesh, S.' 2 
'Gautham, N.'   3 
# 
_citation.id                        primary 
_citation.title                     'Structure of d(CGGGTACCCG)(4) as a four-way Holliday junction' 
_citation.journal_abbrev            'Acta Crystallogr.,Sect.F' 
_citation.journal_volume            67 
_citation.page_first                1506 
_citation.page_last                 1510 
_citation.year                      2011 
_citation.journal_id_ASTM           ? 
_citation.country                   DK 
_citation.journal_id_ISSN           1744-3091 
_citation.journal_id_CSD            ? 
_citation.book_publisher            ? 
_citation.pdbx_database_id_PubMed   22139153 
_citation.pdbx_database_id_DOI      10.1107/S1744309111046616 
# 
loop_
_citation_author.citation_id 
_citation_author.name 
_citation_author.ordinal 
_citation_author.identifier_ORCID 
primary 'Mandal, P.K.'  1 ? 
primary 'Venkadesh, S.' 2 ? 
primary 'Gautham, N.'   3 ? 
# 
_cell.entry_id           3T8P 
_cell.length_a           65.289 
_cell.length_b           23.597 
_cell.length_c           37.124 
_cell.angle_alpha        90.00 
_cell.angle_beta         111.30 
_cell.angle_gamma        90.00 
_cell.Z_PDB              8 
_cell.pdbx_unique_axis   ? 
_cell.length_a_esd       ? 
_cell.length_b_esd       ? 
_cell.length_c_esd       ? 
_cell.angle_alpha_esd    ? 
_cell.angle_beta_esd     ? 
_cell.angle_gamma_esd    ? 
# 
_symmetry.entry_id                         3T8P 
_symmetry.space_group_name_H-M             'C 1 2 1' 
_symmetry.pdbx_full_space_group_name_H-M   ? 
_symmetry.cell_setting                     ? 
_symmetry.Int_Tables_number                5 
_symmetry.space_group_name_Hall            ? 
# 
loop_
_entity.id 
_entity.type 
_entity.src_method 
_entity.pdbx_description 
_entity.formula_weight 
_entity.pdbx_number_of_molecules 
_entity.pdbx_ec 
_entity.pdbx_mutation 
_entity.pdbx_fragment 
_entity.details 
1 polymer     syn 
;DNA (5'-D(*CP*GP*GP*GP*TP*AP*CP*CP*CP*G)-3')
;
3045.993 2  ? ? ? ? 
2 non-polymer syn 'CALCIUM ION'                                  40.078   1  ? ? ? ? 
3 water       nat water                                          18.015   18 ? ? ? ? 
# 
_entity_poly.entity_id                      1 
_entity_poly.type                           polydeoxyribonucleotide 
_entity_poly.nstd_linkage                   no 
_entity_poly.nstd_monomer                   no 
_entity_poly.pdbx_seq_one_letter_code       '(DC)(DG)(DG)(DG)(DT)(DA)(DC)(DC)(DC)(DG)' 
_entity_poly.pdbx_seq_one_letter_code_can   CGGGTACCCG 
_entity_poly.pdbx_strand_id                 A,B 
_entity_poly.pdbx_target_identifier         ? 
# 
loop_
_entity_poly_seq.entity_id 
_entity_poly_seq.num 
_entity_poly_seq.mon_id 
_entity_poly_seq.hetero 
1 1  DC n 
1 2  DG n 
1 3  DG n 
1 4  DG n 
1 5  DT n 
1 6  DA n 
1 7  DC n 
1 8  DC n 
1 9  DC n 
1 10 DG n 
# 
_struct_ref.id                         1 
_struct_ref.db_name                    PDB 
_struct_ref.db_code                    3T8P 
_struct_ref.pdbx_db_accession          3T8P 
_struct_ref.entity_id                  1 
_struct_ref.pdbx_align_begin           ? 
_struct_ref.pdbx_seq_one_letter_code   ? 
_struct_ref.pdbx_db_isoform            ? 
# 
loop_
_struct_ref_seq.align_id 
_struct_ref_seq.ref_id 
_struct_ref_seq.pdbx_PDB_id_code 
_struct_ref_seq.pdbx_strand_id 
_struct_ref_seq.seq_align_beg 
_struct_ref_seq.pdbx_seq_align_beg_ins_code 
_struct_ref_seq.seq_align_end 
_struct_ref_seq.pdbx_seq_align_end_ins_code 
_struct_ref_seq.pdbx_db_accession 
_struct_ref_seq.db_align_beg 
_struct_ref_seq.pdbx_db_align_beg_ins_code 
_struct_ref_seq.db_align_end 
_struct_ref_seq.pdbx_db_align_end_ins_code 
_struct_ref_seq.pdbx_auth_seq_align_beg 
_struct_ref_seq.pdbx_auth_seq_align_end 
1 1 3T8P A 1 ? 10 ? 3T8P 1  ? 10 ? 1  10 
2 1 3T8P B 1 ? 10 ? 3T8P 11 ? 20 ? 11 20 
# 
loop_
_chem_comp.id 
_chem_comp.type 
_chem_comp.mon_nstd_flag 
_chem_comp.name 
_chem_comp.pdbx_synonyms 
_chem_comp.formula 
_chem_comp.formula_weight 
CA  non-polymer   . 'CALCIUM ION'                        ? 'Ca 2'            40.078  
DA  'DNA linking' y "2'-DEOXYADENOSINE-5'-MONOPHOSPHATE" ? 'C10 H14 N5 O6 P' 331.222 
DC  'DNA linking' y "2'-DEOXYCYTIDINE-5'-MONOPHOSPHATE"  ? 'C9 H14 N3 O7 P'  307.197 
DG  'DNA linking' y "2'-DEOXYGUANOSINE-5'-MONOPHOSPHATE" ? 'C10 H14 N5 O7 P' 347.221 
DT  'DNA linking' y "THYMIDINE-5'-MONOPHOSPHATE"         ? 'C10 H15 N2 O8 P' 322.208 
HOH non-polymer   . WATER                                ? 'H2 O'            18.015  
# 
_exptl.entry_id          3T8P 
_exptl.method            'X-RAY DIFFRACTION' 
_exptl.crystals_number   1 
# 
_exptl_crystal.id                    1 
_exptl_crystal.density_meas          ? 
_exptl_crystal.density_Matthews      2.19 
_exptl_crystal.density_percent_sol   43.75 
_exptl_crystal.description           ? 
_exptl_crystal.F_000                 ? 
_exptl_crystal.preparation           ? 
# 
_exptl_crystal_grow.crystal_id      1 
_exptl_crystal_grow.method          'VAPOR DIFFUSION, HANGING DROP' 
_exptl_crystal_grow.temp            300 
_exptl_crystal_grow.temp_details    ? 
_exptl_crystal_grow.pH              7.0 
_exptl_crystal_grow.pdbx_details    
;1mM DNA, 40mM sodium cacodylate, 85mM Calcium chloride, equilibrated against 30% methyl pentane diol , pH 7.0, VAPOR DIFFUSION, HANGING DROP, temperature 300K
;
_exptl_crystal_grow.pdbx_pH_range   ? 
# 
_diffrn.id                     1 
_diffrn.ambient_temp           100 
_diffrn.ambient_temp_details   ? 
_diffrn.crystal_id             1 
# 
_diffrn_detector.diffrn_id              1 
_diffrn_detector.detector               'IMAGE PLATE' 
_diffrn_detector.type                   'MAR scanner 345 mm plate' 
_diffrn_detector.pdbx_collection_date   2008-03-09 
_diffrn_detector.details                mirrors 
# 
_diffrn_radiation.diffrn_id                        1 
_diffrn_radiation.wavelength_id                    1 
_diffrn_radiation.pdbx_monochromatic_or_laue_m_l   M 
_diffrn_radiation.monochromator                    Graphite 
_diffrn_radiation.pdbx_diffrn_protocol             'SINGLE WAVELENGTH' 
_diffrn_radiation.pdbx_scattering_type             x-ray 
# 
_diffrn_radiation_wavelength.id           1 
_diffrn_radiation_wavelength.wavelength   1.5418 
_diffrn_radiation_wavelength.wt           1.0 
# 
_diffrn_source.diffrn_id                   1 
_diffrn_source.source                      'ROTATING ANODE' 
_diffrn_source.type                        'BRUKER AXS MICROSTAR' 
_diffrn_source.pdbx_synchrotron_site       ? 
_diffrn_source.pdbx_synchrotron_beamline   ? 
_diffrn_source.pdbx_wavelength             ? 
_diffrn_source.pdbx_wavelength_list        1.5418 
# 
_reflns.entry_id                     3T8P 
_reflns.observed_criterion_sigma_I   ? 
_reflns.observed_criterion_sigma_F   ? 
_reflns.d_resolution_low             34.59 
_reflns.d_resolution_high            2.35 
_reflns.number_obs                   2236 
_reflns.number_all                   ? 
_reflns.percent_possible_obs         96.53 
_reflns.pdbx_Rmerge_I_obs            0.115 
_reflns.pdbx_Rsym_value              0.0885 
_reflns.pdbx_netI_over_sigmaI        3.7 
_reflns.B_iso_Wilson_estimate        53.13 
_reflns.pdbx_redundancy              2.83 
_reflns.R_free_details               ? 
_reflns.limit_h_max                  ? 
_reflns.limit_h_min                  ? 
_reflns.limit_k_max                  ? 
_reflns.limit_k_min                  ? 
_reflns.limit_l_max                  ? 
_reflns.limit_l_min                  ? 
_reflns.observed_criterion_F_max     ? 
_reflns.observed_criterion_F_min     ? 
_reflns.pdbx_chi_squared             ? 
_reflns.pdbx_scaling_rejects         ? 
_reflns.pdbx_ordinal                 1 
_reflns.pdbx_diffrn_id               1 
# 
_reflns_shell.d_res_high                  2.35 
_reflns_shell.d_res_low                   2.43 
_reflns_shell.percent_possible_all        96.4 
_reflns_shell.Rmerge_I_obs                0.295 
_reflns_shell.pdbx_Rsym_value             0.249 
_reflns_shell.meanI_over_sigI_obs         1.1 
_reflns_shell.pdbx_redundancy             3.29 
_reflns_shell.percent_possible_obs        ? 
_reflns_shell.number_unique_all           2236 
_reflns_shell.number_measured_all         ? 
_reflns_shell.number_measured_obs         ? 
_reflns_shell.number_unique_obs           ? 
_reflns_shell.pdbx_chi_squared            ? 
_reflns_shell.pdbx_rejects                ? 
_reflns_shell.pdbx_netI_over_sigmaI_obs   ? 
_reflns_shell.number_possible             ? 
_reflns_shell.Rmerge_F_all                ? 
_reflns_shell.Rmerge_F_obs                ? 
_reflns_shell.Rmerge_I_all                ? 
_reflns_shell.meanI_over_sigI_all         ? 
_reflns_shell.pdbx_Rrim_I_all             ? 
_reflns_shell.pdbx_Rpim_I_all             ? 
_reflns_shell.pdbx_ordinal                1 
_reflns_shell.pdbx_diffrn_id              1 
# 
_refine.entry_id                                 3T8P 
_refine.ls_number_reflns_obs                     2115 
_refine.ls_number_reflns_all                     2263 
_refine.pdbx_ls_sigma_I                          ? 
_refine.pdbx_ls_sigma_F                          ? 
_refine.pdbx_data_cutoff_high_absF               ? 
_refine.pdbx_data_cutoff_low_absF                ? 
_refine.pdbx_data_cutoff_high_rms_absF           ? 
_refine.ls_d_res_low                             34.59 
_refine.ls_d_res_high                            2.35 
_refine.ls_percent_reflns_obs                    96.53 
_refine.ls_R_factor_obs                          0.23759 
_refine.ls_R_factor_all                          ? 
_refine.ls_R_factor_R_work                       0.23546 
_refine.ls_R_factor_R_free                       0.27839 
_refine.ls_R_factor_R_free_error                 ? 
_refine.ls_R_factor_R_free_error_details         ? 
_refine.ls_percent_reflns_R_free                 5.0 
_refine.ls_number_reflns_R_free                  112 
_refine.ls_number_parameters                     ? 
_refine.ls_number_restraints                     ? 
_refine.occupancy_min                            ? 
_refine.occupancy_max                            ? 
_refine.correlation_coeff_Fo_to_Fc               0.942 
_refine.correlation_coeff_Fo_to_Fc_free          0.904 
_refine.B_iso_mean                               31.477 
_refine.aniso_B[1][1]                            0.31 
_refine.aniso_B[2][2]                            0.21 
_refine.aniso_B[3][3]                            0.07 
_refine.aniso_B[1][2]                            0.00 
_refine.aniso_B[1][3]                            -0.04 
_refine.aniso_B[2][3]                            0.00 
_refine.solvent_model_details                    MASK 
_refine.solvent_model_param_ksol                 ? 
_refine.solvent_model_param_bsol                 ? 
_refine.pdbx_solvent_vdw_probe_radii             1.20 
_refine.pdbx_solvent_ion_probe_radii             0.80 
_refine.pdbx_solvent_shrinkage_radii             0.80 
_refine.pdbx_ls_cross_valid_method               THROUGHOUT 
_refine.details                                  ? 
_refine.pdbx_starting_model                      'PDB ENTRY 1NT8' 
_refine.pdbx_method_to_determine_struct          'MOLECULAR REPLACEMENT' 
_refine.pdbx_isotropic_thermal_model             Isotropic 
_refine.pdbx_stereochemistry_target_values       'MAXIMUM LIKELIHOOD' 
_refine.pdbx_stereochem_target_val_spec_case     ? 
_refine.pdbx_R_Free_selection_details            RANDOM 
_refine.pdbx_overall_ESU_R_Free                  0.301 
_refine.overall_SU_ML                            0.169 
_refine.pdbx_overall_phase_error                 ? 
_refine.overall_SU_B                             ? 
_refine.overall_SU_R_Cruickshank_DPI             ? 
_refine.ls_redundancy_reflns_obs                 ? 
_refine.B_iso_min                                ? 
_refine.B_iso_max                                ? 
_refine.overall_SU_R_free                        ? 
_refine.pdbx_overall_ESU_R                       0.570 
_refine.ls_wR_factor_R_free                      ? 
_refine.ls_wR_factor_R_work                      ? 
_refine.overall_FOM_free_R_set                   ? 
_refine.overall_FOM_work_R_set                   ? 
_refine.pdbx_diffrn_id                           1 
_refine.pdbx_refine_id                           'X-RAY DIFFRACTION' 
_refine.pdbx_TLS_residual_ADP_flag               ? 
_refine.pdbx_overall_SU_R_free_Cruickshank_DPI   ? 
_refine.pdbx_overall_SU_R_Blow_DPI               ? 
_refine.pdbx_overall_SU_R_free_Blow_DPI          ? 
# 
_refine_hist.pdbx_refine_id                   'X-RAY DIFFRACTION' 
_refine_hist.cycle_id                         LAST 
_refine_hist.pdbx_number_atoms_protein        0 
_refine_hist.pdbx_number_atoms_nucleic_acid   404 
_refine_hist.pdbx_number_atoms_ligand         1 
_refine_hist.number_atoms_solvent             18 
_refine_hist.number_atoms_total               423 
_refine_hist.d_res_high                       2.35 
_refine_hist.d_res_low                        34.59 
# 
loop_
_refine_ls_restr.type 
_refine_ls_restr.dev_ideal 
_refine_ls_restr.dev_ideal_target 
_refine_ls_restr.weight 
_refine_ls_restr.number 
_refine_ls_restr.pdbx_restraint_function 
_refine_ls_restr.pdbx_refine_id 
r_bond_refined_d         0.012 0.021 ? 452 ? 'X-RAY DIFFRACTION' 
r_angle_refined_deg      1.980 3.000 ? 694 ? 'X-RAY DIFFRACTION' 
r_gen_planes_refined     0.007 0.020 ? 210 ? 'X-RAY DIFFRACTION' 
r_nbd_refined            0.255 0.200 ? 106 ? 'X-RAY DIFFRACTION' 
r_nbtor_refined          0.330 0.200 ? 255 ? 'X-RAY DIFFRACTION' 
r_xyhbond_nbd_refined    0.235 0.200 ? 13  ? 'X-RAY DIFFRACTION' 
r_symmetry_vdw_refined   0.220 0.200 ? 32  ? 'X-RAY DIFFRACTION' 
r_symmetry_hbond_refined 0.289 0.200 ? 6   ? 'X-RAY DIFFRACTION' 
# 
_refine_ls_shell.pdbx_refine_id                   'X-RAY DIFFRACTION' 
_refine_ls_shell.pdbx_total_number_of_bins_used   20 
_refine_ls_shell.d_res_high                       2.352 
_refine_ls_shell.d_res_low                        2.413 
_refine_ls_shell.number_reflns_R_work             160 
_refine_ls_shell.R_factor_R_work                  0.380 
_refine_ls_shell.percent_reflns_obs               97.66 
_refine_ls_shell.R_factor_R_free                  0.248 
_refine_ls_shell.R_factor_R_free_error            ? 
_refine_ls_shell.percent_reflns_R_free            ? 
_refine_ls_shell.number_reflns_R_free             7 
_refine_ls_shell.number_reflns_all                ? 
_refine_ls_shell.R_factor_all                     ? 
_refine_ls_shell.number_reflns_obs                160 
_refine_ls_shell.redundancy_reflns_obs            ? 
# 
_struct.entry_id                  3T8P 
_struct.title                     'Crystal structure of d(CGGGTACCCG)4 as a four-way Holliday junction' 
_struct.pdbx_model_details        ? 
_struct.pdbx_CASP_flag            N 
_struct.pdbx_model_type_details   ? 
# 
_struct_keywords.entry_id        3T8P 
_struct_keywords.pdbx_keywords   DNA 
_struct_keywords.text            'DNA four-way Holliday Junction, Recombination, DNA' 
# 
loop_
_struct_asym.id 
_struct_asym.pdbx_blank_PDB_chainid_flag 
_struct_asym.pdbx_modified 
_struct_asym.entity_id 
_struct_asym.details 
A N N 1 ? 
B N N 1 ? 
C N N 2 ? 
D N N 3 ? 
E N N 3 ? 
# 
_struct_biol.id        1 
_struct_biol.details   ? 
# 
loop_
_struct_conn.id 
_struct_conn.conn_type_id 
_struct_conn.pdbx_leaving_atom_flag 
_struct_conn.pdbx_PDB_id 
_struct_conn.ptnr1_label_asym_id 
_struct_conn.ptnr1_label_comp_id 
_struct_conn.ptnr1_label_seq_id 
_struct_conn.ptnr1_label_atom_id 
_struct_conn.pdbx_ptnr1_label_alt_id 
_struct_conn.pdbx_ptnr1_PDB_ins_code 
_struct_conn.pdbx_ptnr1_standard_comp_id 
_struct_conn.ptnr1_symmetry 
_struct_conn.ptnr2_label_asym_id 
_struct_conn.ptnr2_label_comp_id 
_struct_conn.ptnr2_label_seq_id 
_struct_conn.ptnr2_label_atom_id 
_struct_conn.pdbx_ptnr2_label_alt_id 
_struct_conn.pdbx_ptnr2_PDB_ins_code 
_struct_conn.ptnr1_auth_asym_id 
_struct_conn.ptnr1_auth_comp_id 
_struct_conn.ptnr1_auth_seq_id 
_struct_conn.ptnr2_auth_asym_id 
_struct_conn.ptnr2_auth_comp_id 
_struct_conn.ptnr2_auth_seq_id 
_struct_conn.ptnr2_symmetry 
_struct_conn.pdbx_ptnr3_label_atom_id 
_struct_conn.pdbx_ptnr3_label_seq_id 
_struct_conn.pdbx_ptnr3_label_comp_id 
_struct_conn.pdbx_ptnr3_label_asym_id 
_struct_conn.pdbx_ptnr3_label_alt_id 
_struct_conn.pdbx_ptnr3_PDB_ins_code 
_struct_conn.details 
_struct_conn.pdbx_dist_value 
_struct_conn.pdbx_value_order 
_struct_conn.pdbx_role 
hydrog1  hydrog ? ? A DC 1 N3 ? ? ? 1_555 B DG 10 N1 ? ? A DC 1 B DG 20 1_555 ? ? ? ? ? ? WATSON-CRICK ? ? ? 
hydrog2  hydrog ? ? A DC 1 N4 ? ? ? 1_555 B DG 10 O6 ? ? A DC 1 B DG 20 1_555 ? ? ? ? ? ? WATSON-CRICK ? ? ? 
hydrog3  hydrog ? ? A DC 1 O2 ? ? ? 1_555 B DG 10 N2 ? ? A DC 1 B DG 20 1_555 ? ? ? ? ? ? WATSON-CRICK ? ? ? 
hydrog4  hydrog ? ? A DG 2 N1 ? ? ? 1_555 B DC 9  N3 ? ? A DG 2 B DC 19 1_555 ? ? ? ? ? ? WATSON-CRICK ? ? ? 
hydrog5  hydrog ? ? A DG 2 N2 ? ? ? 1_555 B DC 9  O2 ? ? A DG 2 B DC 19 1_555 ? ? ? ? ? ? WATSON-CRICK ? ? ? 
hydrog6  hydrog ? ? A DG 2 O6 ? ? ? 1_555 B DC 9  N4 ? ? A DG 2 B DC 19 1_555 ? ? ? ? ? ? WATSON-CRICK ? ? ? 
hydrog7  hydrog ? ? A DG 3 N1 ? ? ? 1_555 B DC 8  N3 ? ? A DG 3 B DC 18 1_555 ? ? ? ? ? ? WATSON-CRICK ? ? ? 
hydrog8  hydrog ? ? A DG 3 N2 ? ? ? 1_555 B DC 8  O2 ? ? A DG 3 B DC 18 1_555 ? ? ? ? ? ? WATSON-CRICK ? ? ? 
hydrog9  hydrog ? ? A DG 3 O6 ? ? ? 1_555 B DC 8  N4 ? ? A DG 3 B DC 18 1_555 ? ? ? ? ? ? WATSON-CRICK ? ? ? 
hydrog10 hydrog ? ? A DG 4 N1 ? ? ? 1_555 B DC 7  N3 ? ? A DG 4 B DC 17 1_555 ? ? ? ? ? ? WATSON-CRICK ? ? ? 
hydrog11 hydrog ? ? A DG 4 N2 ? ? ? 1_555 B DC 7  O2 ? ? A DG 4 B DC 17 1_555 ? ? ? ? ? ? WATSON-CRICK ? ? ? 
hydrog12 hydrog ? ? A DG 4 O6 ? ? ? 1_555 B DC 7  N4 ? ? A DG 4 B DC 17 1_555 ? ? ? ? ? ? WATSON-CRICK ? ? ? 
hydrog13 hydrog ? ? A DT 5 N3 ? ? ? 1_555 B DA 6  N1 ? ? A DT 5 B DA 16 1_555 ? ? ? ? ? ? WATSON-CRICK ? ? ? 
hydrog14 hydrog ? ? A DT 5 O4 ? ? ? 1_555 B DA 6  N6 ? ? A DT 5 B DA 16 1_555 ? ? ? ? ? ? WATSON-CRICK ? ? ? 
hydrog15 hydrog ? ? A DA 6 N1 ? ? ? 1_555 B DT 5  N3 ? ? A DA 6 B DT 15 1_555 ? ? ? ? ? ? 'DA-DT PAIR' ? ? ? 
# 
_struct_conn_type.id          hydrog 
_struct_conn_type.criteria    ? 
_struct_conn_type.reference   ? 
# 
_struct_site.id                   AC1 
_struct_site.pdbx_evidence_code   Software 
_struct_site.pdbx_auth_asym_id    B 
_struct_site.pdbx_auth_comp_id    CA 
_struct_site.pdbx_auth_seq_id     1 
_struct_site.pdbx_auth_ins_code   ? 
_struct_site.pdbx_num_residues    1 
_struct_site.details              'BINDING SITE FOR RESIDUE CA B 1' 
# 
_struct_site_gen.id                   1 
_struct_site_gen.site_id              AC1 
_struct_site_gen.pdbx_num_res         1 
_struct_site_gen.label_comp_id        DG 
_struct_site_gen.label_asym_id        B 
_struct_site_gen.label_seq_id         3 
_struct_site_gen.pdbx_auth_ins_code   ? 
_struct_site_gen.auth_comp_id         DG 
_struct_site_gen.auth_asym_id         B 
_struct_site_gen.auth_seq_id          13 
_struct_site_gen.label_atom_id        . 
_struct_site_gen.label_alt_id         ? 
_struct_site_gen.symmetry             1_555 
_struct_site_gen.details              ? 
# 
_atom_sites.entry_id                    3T8P 
_atom_sites.fract_transf_matrix[1][1]   0.00708661 
_atom_sites.fract_transf_matrix[1][2]   -0.01094618 
_atom_sites.fract_transf_matrix[1][3]   0.01001181 
_atom_sites.fract_transf_matrix[2][1]   0.03819365 
_atom_sites.fract_transf_matrix[2][2]   0.01485152 
_atom_sites.fract_transf_matrix[2][3]   -0.01079686 
_atom_sites.fract_transf_matrix[3][1]   0.00334772 
_atom_sites.fract_transf_matrix[3][2]   0.01075003 
_atom_sites.fract_transf_matrix[3][3]   0.02662956 
_atom_sites.fract_transf_vector[1]      0.041389 
_atom_sites.fract_transf_vector[2]      -0.011570 
_atom_sites.fract_transf_vector[3]      0.345617 
# 
loop_
_atom_type.symbol 
C  
CA 
N  
O  
P  
# 
loop_
_atom_site.group_PDB 
_atom_site.id 
_atom_site.type_symbol 
_atom_site.label_atom_id 
_atom_site.label_alt_id 
_atom_site.label_comp_id 
_atom_site.label_asym_id 
_atom_site.label_entity_id 
_atom_site.label_seq_id 
_atom_site.pdbx_PDB_ins_code 
_atom_site.Cartn_x 
_atom_site.Cartn_y 
_atom_site.Cartn_z 
_atom_site.occupancy 
_atom_site.B_iso_or_equiv 
_atom_site.pdbx_formal_charge 
_atom_site.auth_seq_id 
_atom_site.auth_comp_id 
_atom_site.auth_asym_id 
_atom_site.auth_atom_id 
_atom_site.pdbx_PDB_model_num 
ATOM   1   O  "O5'" . DC  A 1 1  ? 2.488   -14.945 -5.118  1.00 29.03 ? 1  DC  A "O5'" 1 
ATOM   2   C  "C5'" . DC  A 1 1  ? 1.163   -15.318 -5.447  1.00 30.79 ? 1  DC  A "C5'" 1 
ATOM   3   C  "C4'" . DC  A 1 1  ? 0.531   -16.181 -4.351  1.00 32.63 ? 1  DC  A "C4'" 1 
ATOM   4   O  "O4'" . DC  A 1 1  ? 1.362   -16.352 -3.169  1.00 32.94 ? 1  DC  A "O4'" 1 
ATOM   5   C  "C3'" . DC  A 1 1  ? -0.764  -15.640 -3.768  1.00 32.89 ? 1  DC  A "C3'" 1 
ATOM   6   O  "O3'" . DC  A 1 1  ? -1.536  -16.712 -3.323  1.00 35.93 ? 1  DC  A "O3'" 1 
ATOM   7   C  "C2'" . DC  A 1 1  ? -0.277  -14.884 -2.560  1.00 30.58 ? 1  DC  A "C2'" 1 
ATOM   8   C  "C1'" . DC  A 1 1  ? 0.685   -15.910 -2.009  1.00 29.15 ? 1  DC  A "C1'" 1 
ATOM   9   N  N1    . DC  A 1 1  ? 1.659   -15.313 -1.043  1.00 28.35 ? 1  DC  A N1    1 
ATOM   10  C  C2    . DC  A 1 1  ? 1.245   -14.866 0.223   1.00 29.80 ? 1  DC  A C2    1 
ATOM   11  O  O2    . DC  A 1 1  ? 0.048   -14.971 0.579   1.00 32.62 ? 1  DC  A O2    1 
ATOM   12  N  N3    . DC  A 1 1  ? 2.179   -14.317 1.038   1.00 27.91 ? 1  DC  A N3    1 
ATOM   13  C  C4    . DC  A 1 1  ? 3.445   -14.208 0.652   1.00 27.83 ? 1  DC  A C4    1 
ATOM   14  N  N4    . DC  A 1 1  ? 4.319   -13.673 1.487   1.00 25.85 ? 1  DC  A N4    1 
ATOM   15  C  C5    . DC  A 1 1  ? 3.884   -14.647 -0.623  1.00 28.93 ? 1  DC  A C5    1 
ATOM   16  C  C6    . DC  A 1 1  ? 2.955   -15.179 -1.419  1.00 28.62 ? 1  DC  A C6    1 
ATOM   17  P  P     . DG  A 1 2  ? -3.124  -16.747 -3.508  1.00 38.64 ? 2  DG  A P     1 
ATOM   18  O  OP1   . DG  A 1 2  ? -3.588  -17.314 -2.204  1.00 39.41 ? 2  DG  A OP1   1 
ATOM   19  O  OP2   . DG  A 1 2  ? -3.430  -17.421 -4.798  1.00 37.15 ? 2  DG  A OP2   1 
ATOM   20  O  "O5'" . DG  A 1 2  ? -3.637  -15.251 -3.679  1.00 34.17 ? 2  DG  A "O5'" 1 
ATOM   21  C  "C5'" . DG  A 1 2  ? -4.661  -14.788 -2.815  1.00 35.72 ? 2  DG  A "C5'" 1 
ATOM   22  C  "C4'" . DG  A 1 2  ? -4.645  -13.263 -2.754  1.00 37.91 ? 2  DG  A "C4'" 1 
ATOM   23  O  "O4'" . DG  A 1 2  ? -3.346  -12.744 -2.353  1.00 36.59 ? 2  DG  A "O4'" 1 
ATOM   24  C  "C3'" . DG  A 1 2  ? -5.017  -12.556 -4.058  1.00 38.30 ? 2  DG  A "C3'" 1 
ATOM   25  O  "O3'" . DG  A 1 2  ? -5.878  -11.514 -3.713  1.00 39.26 ? 2  DG  A "O3'" 1 
ATOM   26  C  "C2'" . DG  A 1 2  ? -3.689  -12.006 -4.551  1.00 37.18 ? 2  DG  A "C2'" 1 
ATOM   27  C  "C1'" . DG  A 1 2  ? -2.995  -11.703 -3.214  1.00 36.13 ? 2  DG  A "C1'" 1 
ATOM   28  N  N9    . DG  A 1 2  ? -1.556  -11.762 -3.275  1.00 33.77 ? 2  DG  A N9    1 
ATOM   29  C  C8    . DG  A 1 2  ? -0.839  -12.029 -4.399  1.00 35.13 ? 2  DG  A C8    1 
ATOM   30  N  N7    . DG  A 1 2  ? 0.447   -12.024 -4.212  1.00 36.86 ? 2  DG  A N7    1 
ATOM   31  C  C5    . DG  A 1 2  ? 0.581   -11.726 -2.878  1.00 34.39 ? 2  DG  A C5    1 
ATOM   32  C  C6    . DG  A 1 2  ? 1.763   -11.615 -2.145  1.00 33.05 ? 2  DG  A C6    1 
ATOM   33  O  O6    . DG  A 1 2  ? 2.901   -11.752 -2.591  1.00 31.02 ? 2  DG  A O6    1 
ATOM   34  N  N1    . DG  A 1 2  ? 1.516   -11.285 -0.801  1.00 34.36 ? 2  DG  A N1    1 
ATOM   35  C  C2    . DG  A 1 2  ? 0.250   -11.110 -0.254  1.00 34.70 ? 2  DG  A C2    1 
ATOM   36  N  N2    . DG  A 1 2  ? 0.223   -10.800 1.069   1.00 31.78 ? 2  DG  A N2    1 
ATOM   37  N  N3    . DG  A 1 2  ? -0.888  -11.227 -0.968  1.00 34.64 ? 2  DG  A N3    1 
ATOM   38  C  C4    . DG  A 1 2  ? -0.646  -11.546 -2.271  1.00 34.99 ? 2  DG  A C4    1 
ATOM   39  P  P     . DG  A 1 3  ? -7.059  -11.103 -4.669  1.00 38.80 ? 3  DG  A P     1 
ATOM   40  O  OP1   . DG  A 1 3  ? -7.881  -12.300 -4.853  1.00 42.13 ? 3  DG  A OP1   1 
ATOM   41  O  OP2   . DG  A 1 3  ? -6.483  -10.407 -5.824  1.00 40.65 ? 3  DG  A OP2   1 
ATOM   42  O  "O5'" . DG  A 1 3  ? -7.917  -10.079 -3.823  1.00 40.10 ? 3  DG  A "O5'" 1 
ATOM   43  C  "C5'" . DG  A 1 3  ? -7.914  -10.182 -2.382  1.00 39.08 ? 3  DG  A "C5'" 1 
ATOM   44  C  "C4'" . DG  A 1 3  ? -7.315  -8.917  -1.761  1.00 36.96 ? 3  DG  A "C4'" 1 
ATOM   45  O  "O4'" . DG  A 1 3  ? -5.867  -8.955  -1.786  1.00 33.78 ? 3  DG  A "O4'" 1 
ATOM   46  C  "C3'" . DG  A 1 3  ? -7.694  -7.607  -2.448  1.00 36.21 ? 3  DG  A "C3'" 1 
ATOM   47  O  "O3'" . DG  A 1 3  ? -7.881  -6.577  -1.479  1.00 39.00 ? 3  DG  A "O3'" 1 
ATOM   48  C  "C2'" . DG  A 1 3  ? -6.459  -7.341  -3.285  1.00 33.59 ? 3  DG  A "C2'" 1 
ATOM   49  C  "C1'" . DG  A 1 3  ? -5.418  -7.722  -2.258  1.00 30.20 ? 3  DG  A "C1'" 1 
ATOM   50  N  N9    . DG  A 1 3  ? -4.086  -7.902  -2.790  1.00 28.88 ? 3  DG  A N9    1 
ATOM   51  C  C8    . DG  A 1 3  ? -3.754  -8.209  -4.086  1.00 28.21 ? 3  DG  A C8    1 
ATOM   52  N  N7    . DG  A 1 3  ? -2.484  -8.300  -4.281  1.00 27.85 ? 3  DG  A N7    1 
ATOM   53  C  C5    . DG  A 1 3  ? -1.934  -8.030  -3.036  1.00 27.49 ? 3  DG  A C5    1 
ATOM   54  C  C6    . DG  A 1 3  ? -0.587  -7.979  -2.638  1.00 28.53 ? 3  DG  A C6    1 
ATOM   55  O  O6    . DG  A 1 3  ? 0.419   -8.180  -3.333  1.00 30.56 ? 3  DG  A O6    1 
ATOM   56  N  N1    . DG  A 1 3  ? -0.455  -7.668  -1.289  1.00 28.03 ? 3  DG  A N1    1 
ATOM   57  C  C2    . DG  A 1 3  ? -1.496  -7.424  -0.433  1.00 28.64 ? 3  DG  A C2    1 
ATOM   58  N  N2    . DG  A 1 3  ? -1.169  -7.140  0.825   1.00 30.72 ? 3  DG  A N2    1 
ATOM   59  N  N3    . DG  A 1 3  ? -2.764  -7.449  -0.792  1.00 29.19 ? 3  DG  A N3    1 
ATOM   60  C  C4    . DG  A 1 3  ? -2.907  -7.768  -2.105  1.00 27.70 ? 3  DG  A C4    1 
ATOM   61  P  P     . DG  A 1 4  ? -9.290  -6.373  -0.771  1.00 40.34 ? 4  DG  A P     1 
ATOM   62  O  OP1   . DG  A 1 4  ? -9.703  -7.694  -0.266  1.00 42.58 ? 4  DG  A OP1   1 
ATOM   63  O  OP2   . DG  A 1 4  ? -10.133 -5.617  -1.707  1.00 40.22 ? 4  DG  A OP2   1 
ATOM   64  O  "O5'" . DG  A 1 4  ? -8.972  -5.468  0.494   1.00 38.89 ? 4  DG  A "O5'" 1 
ATOM   65  C  "C5'" . DG  A 1 4  ? -8.331  -6.094  1.598   1.00 38.77 ? 4  DG  A "C5'" 1 
ATOM   66  C  "C4'" . DG  A 1 4  ? -7.405  -5.152  2.356   1.00 36.34 ? 4  DG  A "C4'" 1 
ATOM   67  O  "O4'" . DG  A 1 4  ? -6.161  -4.871  1.673   1.00 36.24 ? 4  DG  A "O4'" 1 
ATOM   68  C  "C3'" . DG  A 1 4  ? -7.892  -3.758  2.610   1.00 37.65 ? 4  DG  A "C3'" 1 
ATOM   69  O  "O3'" . DG  A 1 4  ? -7.054  -3.412  3.687   1.00 40.11 ? 4  DG  A "O3'" 1 
ATOM   70  C  "C2'" . DG  A 1 4  ? -7.547  -3.013  1.315   1.00 35.19 ? 4  DG  A "C2'" 1 
ATOM   71  C  "C1'" . DG  A 1 4  ? -6.174  -3.605  1.030   1.00 33.63 ? 4  DG  A "C1'" 1 
ATOM   72  N  N9    . DG  A 1 4  ? -5.750  -3.856  -0.356  1.00 32.75 ? 4  DG  A N9    1 
ATOM   73  C  C8    . DG  A 1 4  ? -6.517  -4.099  -1.471  1.00 31.02 ? 4  DG  A C8    1 
ATOM   74  N  N7    . DG  A 1 4  ? -5.828  -4.304  -2.545  1.00 28.15 ? 4  DG  A N7    1 
ATOM   75  C  C5    . DG  A 1 4  ? -4.512  -4.184  -2.138  1.00 30.59 ? 4  DG  A C5    1 
ATOM   76  C  C6    . DG  A 1 4  ? -3.290  -4.307  -2.869  1.00 30.30 ? 4  DG  A C6    1 
ATOM   77  O  O6    . DG  A 1 4  ? -3.115  -4.555  -4.070  1.00 30.83 ? 4  DG  A O6    1 
ATOM   78  N  N1    . DG  A 1 4  ? -2.182  -4.101  -2.069  1.00 28.26 ? 4  DG  A N1    1 
ATOM   79  C  C2    . DG  A 1 4  ? -2.224  -3.821  -0.733  1.00 29.30 ? 4  DG  A C2    1 
ATOM   80  N  N2    . DG  A 1 4  ? -1.042  -3.675  -0.147  1.00 29.06 ? 4  DG  A N2    1 
ATOM   81  N  N3    . DG  A 1 4  ? -3.329  -3.718  -0.024  1.00 31.16 ? 4  DG  A N3    1 
ATOM   82  C  C4    . DG  A 1 4  ? -4.441  -3.907  -0.789  1.00 31.52 ? 4  DG  A C4    1 
ATOM   83  P  P     . DT  A 1 5  ? -7.374  -2.178  4.616   1.00 40.55 ? 5  DT  A P     1 
ATOM   84  O  OP1   . DT  A 1 5  ? -7.406  -2.786  5.963   1.00 40.69 ? 5  DT  A OP1   1 
ATOM   85  O  OP2   . DT  A 1 5  ? -8.544  -1.469  4.052   1.00 36.52 ? 5  DT  A OP2   1 
ATOM   86  O  "O5'" . DT  A 1 5  ? -6.095  -1.209  4.465   1.00 36.15 ? 5  DT  A "O5'" 1 
ATOM   87  C  "C5'" . DT  A 1 5  ? -4.783  -1.762  4.481   1.00 33.36 ? 5  DT  A "C5'" 1 
ATOM   88  C  "C4'" . DT  A 1 5  ? -3.768  -0.870  3.783   1.00 32.55 ? 5  DT  A "C4'" 1 
ATOM   89  O  "O4'" . DT  A 1 5  ? -3.641  -1.222  2.382   1.00 30.33 ? 5  DT  A "O4'" 1 
ATOM   90  C  "C3'" . DT  A 1 5  ? -4.078  0.630   3.841   1.00 33.05 ? 5  DT  A "C3'" 1 
ATOM   91  O  "O3'" . DT  A 1 5  ? -2.879  1.323   4.095   1.00 32.96 ? 5  DT  A "O3'" 1 
ATOM   92  C  "C2'" . DT  A 1 5  ? -4.574  0.973   2.434   1.00 32.47 ? 5  DT  A "C2'" 1 
ATOM   93  C  "C1'" . DT  A 1 5  ? -3.708  -0.013  1.659   1.00 31.39 ? 5  DT  A "C1'" 1 
ATOM   94  N  N1    . DT  A 1 5  ? -4.058  -0.263  0.247   1.00 31.30 ? 5  DT  A N1    1 
ATOM   95  C  C2    . DT  A 1 5  ? -3.024  -0.672  -0.552  1.00 29.69 ? 5  DT  A C2    1 
ATOM   96  O  O2    . DT  A 1 5  ? -1.889  -0.840  -0.137  1.00 28.80 ? 5  DT  A O2    1 
ATOM   97  N  N3    . DT  A 1 5  ? -3.381  -0.879  -1.850  1.00 28.65 ? 5  DT  A N3    1 
ATOM   98  C  C4    . DT  A 1 5  ? -4.608  -0.741  -2.436  1.00 27.25 ? 5  DT  A C4    1 
ATOM   99  O  O4    . DT  A 1 5  ? -4.765  -0.987  -3.631  1.00 26.79 ? 5  DT  A O4    1 
ATOM   100 C  C5    . DT  A 1 5  ? -5.647  -0.303  -1.545  1.00 28.72 ? 5  DT  A C5    1 
ATOM   101 C  C7    . DT  A 1 5  ? -7.058  -0.093  -2.040  1.00 29.14 ? 5  DT  A C7    1 
ATOM   102 C  C6    . DT  A 1 5  ? -5.328  -0.085  -0.259  1.00 29.66 ? 5  DT  A C6    1 
ATOM   103 P  P     . DA  A 1 6  ? -2.594  2.092   5.455   1.00 29.36 ? 6  DA  A P     1 
ATOM   104 O  OP1   . DA  A 1 6  ? -2.482  1.040   6.461   1.00 31.53 ? 6  DA  A OP1   1 
ATOM   105 O  OP2   . DA  A 1 6  ? -3.516  3.219   5.556   1.00 26.03 ? 6  DA  A OP2   1 
ATOM   106 O  "O5'" . DA  A 1 6  ? -1.154  2.705   5.181   1.00 28.50 ? 6  DA  A "O5'" 1 
ATOM   107 C  "C5'" . DA  A 1 6  ? -0.071  1.921   4.781   1.00 25.66 ? 6  DA  A "C5'" 1 
ATOM   108 C  "C4'" . DA  A 1 6  ? 0.562   2.446   3.505   1.00 24.89 ? 6  DA  A "C4'" 1 
ATOM   109 O  "O4'" . DA  A 1 6  ? -0.231  2.198   2.338   1.00 24.84 ? 6  DA  A "O4'" 1 
ATOM   110 C  "C3'" . DA  A 1 6  ? 0.874   3.925   3.421   1.00 24.35 ? 6  DA  A "C3'" 1 
ATOM   111 O  "O3'" . DA  A 1 6  ? 2.197   4.035   2.939   1.00 27.10 ? 6  DA  A "O3'" 1 
ATOM   112 C  "C2'" . DA  A 1 6  ? -0.071  4.480   2.379   1.00 22.36 ? 6  DA  A "C2'" 1 
ATOM   113 C  "C1'" . DA  A 1 6  ? -0.118  3.285   1.470   1.00 21.22 ? 6  DA  A "C1'" 1 
ATOM   114 N  N9    . DA  A 1 6  ? -1.299  3.231   0.626   1.00 21.73 ? 6  DA  A N9    1 
ATOM   115 C  C8    . DA  A 1 6  ? -2.588  3.421   1.006   1.00 22.40 ? 6  DA  A C8    1 
ATOM   116 N  N7    . DA  A 1 6  ? -3.451  3.290   0.035   1.00 23.01 ? 6  DA  A N7    1 
ATOM   117 C  C5    . DA  A 1 6  ? -2.676  2.997   -1.051  1.00 22.23 ? 6  DA  A C5    1 
ATOM   118 C  C6    . DA  A 1 6  ? -3.016  2.744   -2.383  1.00 24.29 ? 6  DA  A C6    1 
ATOM   119 N  N6    . DA  A 1 6  ? -4.286  2.758   -2.826  1.00 22.56 ? 6  DA  A N6    1 
ATOM   120 N  N1    . DA  A 1 6  ? -1.990  2.475   -3.220  1.00 23.49 ? 6  DA  A N1    1 
ATOM   121 C  C2    . DA  A 1 6  ? -0.736  2.464   -2.762  1.00 22.97 ? 6  DA  A C2    1 
ATOM   122 N  N3    . DA  A 1 6  ? -0.295  2.667   -1.533  1.00 22.51 ? 6  DA  A N3    1 
ATOM   123 C  C4    . DA  A 1 6  ? -1.338  2.942   -0.717  1.00 22.25 ? 6  DA  A C4    1 
ATOM   124 P  P     . DC  A 1 7  ? 3.464   4.027   3.879   1.00 24.84 ? 7  DC  A P     1 
ATOM   125 O  OP1   . DC  A 1 7  ? 4.552   3.286   3.234   1.00 28.36 ? 7  DC  A OP1   1 
ATOM   126 O  OP2   . DC  A 1 7  ? 3.049   3.624   5.214   1.00 27.71 ? 7  DC  A OP2   1 
ATOM   127 O  "O5'" . DC  A 1 7  ? 3.799   5.571   3.918   1.00 25.21 ? 7  DC  A "O5'" 1 
ATOM   128 C  "C5'" . DC  A 1 7  ? 2.800   6.377   4.373   1.00 24.32 ? 7  DC  A "C5'" 1 
ATOM   129 C  "C4'" . DC  A 1 7  ? 3.143   7.808   4.696   1.00 26.27 ? 7  DC  A "C4'" 1 
ATOM   130 O  "O4'" . DC  A 1 7  ? 2.048   8.221   5.543   1.00 26.76 ? 7  DC  A "O4'" 1 
ATOM   131 C  "C3'" . DC  A 1 7  ? 4.377   8.157   5.534   1.00 27.58 ? 7  DC  A "C3'" 1 
ATOM   132 O  "O3'" . DC  A 1 7  ? 4.624   9.573   5.473   1.00 28.42 ? 7  DC  A "O3'" 1 
ATOM   133 C  "C2'" . DC  A 1 7  ? 3.942   7.753   6.920   1.00 24.01 ? 7  DC  A "C2'" 1 
ATOM   134 C  "C1'" . DC  A 1 7  ? 2.463   8.118   6.896   1.00 24.49 ? 7  DC  A "C1'" 1 
ATOM   135 N  N1    . DC  A 1 7  ? 1.582   7.130   7.625   1.00 22.54 ? 7  DC  A N1    1 
ATOM   136 C  C2    . DC  A 1 7  ? 1.455   7.286   8.998   1.00 19.76 ? 7  DC  A C2    1 
ATOM   137 O  O2    . DC  A 1 7  ? 2.038   8.190   9.574   1.00 21.64 ? 7  DC  A O2    1 
ATOM   138 N  N3    . DC  A 1 7  ? 0.680   6.444   9.652   1.00 21.11 ? 7  DC  A N3    1 
ATOM   139 C  C4    . DC  A 1 7  ? 0.040   5.480   9.020   1.00 22.13 ? 7  DC  A C4    1 
ATOM   140 N  N4    . DC  A 1 7  ? -0.709  4.680   9.779   1.00 23.12 ? 7  DC  A N4    1 
ATOM   141 C  C5    . DC  A 1 7  ? 0.128   5.298   7.611   1.00 20.84 ? 7  DC  A C5    1 
ATOM   142 C  C6    . DC  A 1 7  ? 0.907   6.149   6.965   1.00 21.52 ? 7  DC  A C6    1 
ATOM   143 P  P     . DC  A 1 8  ? 6.078   10.168  5.209   1.00 28.78 ? 8  DC  A P     1 
ATOM   144 O  OP1   . DC  A 1 8  ? 6.013   11.619  5.385   1.00 26.98 ? 8  DC  A OP1   1 
ATOM   145 O  OP2   . DC  A 1 8  ? 6.581   9.557   3.954   1.00 25.43 ? 8  DC  A OP2   1 
ATOM   146 O  "O5'" . DC  A 1 8  ? 6.865   9.542   6.451   1.00 30.18 ? 8  DC  A "O5'" 1 
ATOM   147 C  "C5'" . DC  A 1 8  ? 7.245   10.354  7.528   1.00 31.67 ? 8  DC  A "C5'" 1 
ATOM   148 C  "C4'" . DC  A 1 8  ? 7.992   9.536   8.541   1.00 30.71 ? 8  DC  A "C4'" 1 
ATOM   149 O  "O4'" . DC  A 1 8  ? 7.149   8.443   8.933   1.00 31.73 ? 8  DC  A "O4'" 1 
ATOM   150 C  "C3'" . DC  A 1 8  ? 9.251   8.901   8.002   1.00 32.36 ? 8  DC  A "C3'" 1 
ATOM   151 O  "O3'" . DC  A 1 8  ? 10.271  8.870   9.001   1.00 32.89 ? 8  DC  A "O3'" 1 
ATOM   152 C  "C2'" . DC  A 1 8  ? 8.769   7.504   7.608   1.00 32.04 ? 8  DC  A "C2'" 1 
ATOM   153 C  "C1'" . DC  A 1 8  ? 7.782   7.206   8.717   1.00 31.92 ? 8  DC  A "C1'" 1 
ATOM   154 N  N1    . DC  A 1 8  ? 6.704   6.189   8.459   1.00 32.23 ? 8  DC  A N1    1 
ATOM   155 C  C2    . DC  A 1 8  ? 5.879   5.834   9.525   1.00 30.35 ? 8  DC  A C2    1 
ATOM   156 O  O2    . DC  A 1 8  ? 6.051   6.338   10.624  1.00 29.54 ? 8  DC  A O2    1 
ATOM   157 N  N3    . DC  A 1 8  ? 4.894   4.944   9.307   1.00 32.33 ? 8  DC  A N3    1 
ATOM   158 C  C4    . DC  A 1 8  ? 4.699   4.395   8.100   1.00 30.20 ? 8  DC  A C4    1 
ATOM   159 N  N4    . DC  A 1 8  ? 3.707   3.498   7.989   1.00 29.67 ? 8  DC  A N4    1 
ATOM   160 C  C5    . DC  A 1 8  ? 5.540   4.718   7.007   1.00 29.19 ? 8  DC  A C5    1 
ATOM   161 C  C6    . DC  A 1 8  ? 6.506   5.611   7.227   1.00 31.71 ? 8  DC  A C6    1 
ATOM   162 P  P     . DC  A 1 9  ? 11.366  10.012  9.145   1.00 31.53 ? 9  DC  A P     1 
ATOM   163 O  OP1   . DC  A 1 9  ? 10.692  11.300  8.953   1.00 34.54 ? 9  DC  A OP1   1 
ATOM   164 O  OP2   . DC  A 1 9  ? 12.486  9.549   8.313   1.00 31.61 ? 9  DC  A OP2   1 
ATOM   165 O  "O5'" . DC  A 1 9  ? 11.902  10.015  10.649  1.00 31.56 ? 9  DC  A "O5'" 1 
ATOM   166 C  "C5'" . DC  A 1 9  ? 11.115  10.251  11.779  1.00 29.17 ? 9  DC  A "C5'" 1 
ATOM   167 C  "C4'" . DC  A 1 9  ? 11.353  9.143   12.791  1.00 28.24 ? 9  DC  A "C4'" 1 
ATOM   168 O  "O4'" . DC  A 1 9  ? 10.509  8.036   12.423  1.00 30.86 ? 9  DC  A "O4'" 1 
ATOM   169 C  "C3'" . DC  A 1 9  ? 12.739  8.521   12.885  1.00 29.14 ? 9  DC  A "C3'" 1 
ATOM   170 O  "O3'" . DC  A 1 9  ? 12.904  7.997   14.195  1.00 31.40 ? 9  DC  A "O3'" 1 
ATOM   171 C  "C2'" . DC  A 1 9  ? 12.634  7.325   11.952  1.00 29.86 ? 9  DC  A "C2'" 1 
ATOM   172 C  "C1'" . DC  A 1 9  ? 11.258  6.837   12.362  1.00 29.34 ? 9  DC  A "C1'" 1 
ATOM   173 N  N1    . DC  A 1 9  ? 10.550  5.891   11.464  1.00 28.28 ? 9  DC  A N1    1 
ATOM   174 C  C2    . DC  A 1 9  ? 9.432   5.178   11.947  1.00 28.20 ? 9  DC  A C2    1 
ATOM   175 O  O2    . DC  A 1 9  ? 9.022   5.300   13.096  1.00 29.25 ? 9  DC  A O2    1 
ATOM   176 N  N3    . DC  A 1 9  ? 8.777   4.326   11.137  1.00 27.47 ? 9  DC  A N3    1 
ATOM   177 C  C4    . DC  A 1 9  ? 9.165   4.174   9.887   1.00 27.94 ? 9  DC  A C4    1 
ATOM   178 N  N4    . DC  A 1 9  ? 8.438   3.312   9.174   1.00 27.21 ? 9  DC  A N4    1 
ATOM   179 C  C5    . DC  A 1 9  ? 10.292  4.890   9.348   1.00 28.58 ? 9  DC  A C5    1 
ATOM   180 C  C6    . DC  A 1 9  ? 10.948  5.733   10.163  1.00 29.15 ? 9  DC  A C6    1 
ATOM   181 P  P     . DG  A 1 10 ? 13.777  8.665   15.331  1.00 28.63 ? 10 DG  A P     1 
ATOM   182 O  OP1   . DG  A 1 10 ? 13.339  10.031  15.547  1.00 28.73 ? 10 DG  A OP1   1 
ATOM   183 O  OP2   . DG  A 1 10 ? 15.124  8.320   14.992  1.00 31.76 ? 10 DG  A OP2   1 
ATOM   184 O  "O5'" . DG  A 1 10 ? 13.434  7.815   16.635  1.00 32.65 ? 10 DG  A "O5'" 1 
ATOM   185 C  "C5'" . DG  A 1 10 ? 12.253  7.991   17.430  1.00 32.02 ? 10 DG  A "C5'" 1 
ATOM   186 C  "C4'" . DG  A 1 10 ? 11.736  6.638   17.904  1.00 30.08 ? 10 DG  A "C4'" 1 
ATOM   187 O  "O4'" . DG  A 1 10 ? 11.455  5.817   16.750  1.00 29.61 ? 10 DG  A "O4'" 1 
ATOM   188 C  "C3'" . DG  A 1 10 ? 12.710  5.808   18.713  1.00 30.04 ? 10 DG  A "C3'" 1 
ATOM   189 O  "O3'" . DG  A 1 10 ? 12.011  4.952   19.616  1.00 30.88 ? 10 DG  A "O3'" 1 
ATOM   190 C  "C2'" . DG  A 1 10 ? 13.410  4.978   17.641  1.00 30.33 ? 10 DG  A "C2'" 1 
ATOM   191 C  "C1'" . DG  A 1 10 ? 12.211  4.618   16.777  1.00 30.94 ? 10 DG  A "C1'" 1 
ATOM   192 N  N9    . DG  A 1 10 ? 12.482  4.360   15.364  1.00 32.04 ? 10 DG  A N9    1 
ATOM   193 C  C8    . DG  A 1 10 ? 13.411  5.010   14.610  1.00 32.94 ? 10 DG  A C8    1 
ATOM   194 N  N7    . DG  A 1 10 ? 13.462  4.651   13.383  1.00 32.32 ? 10 DG  A N7    1 
ATOM   195 C  C5    . DG  A 1 10 ? 12.494  3.674   13.278  1.00 32.71 ? 10 DG  A C5    1 
ATOM   196 C  C6    . DG  A 1 10 ? 12.094  2.918   12.150  1.00 30.65 ? 10 DG  A C6    1 
ATOM   197 O  O6    . DG  A 1 10 ? 12.512  2.957   11.002  1.00 29.81 ? 10 DG  A O6    1 
ATOM   198 N  N1    . DG  A 1 10 ? 11.081  2.041   12.450  1.00 31.43 ? 10 DG  A N1    1 
ATOM   199 C  C2    . DG  A 1 10 ? 10.526  1.914   13.688  1.00 33.94 ? 10 DG  A C2    1 
ATOM   200 N  N2    . DG  A 1 10 ? 9.572   0.994   13.779  1.00 38.42 ? 10 DG  A N2    1 
ATOM   201 N  N3    . DG  A 1 10 ? 10.872  2.601   14.764  1.00 35.26 ? 10 DG  A N3    1 
ATOM   202 C  C4    . DG  A 1 10 ? 11.875  3.479   14.492  1.00 33.72 ? 10 DG  A C4    1 
ATOM   203 O  "O5'" . DC  B 1 1  ? -6.288  16.571  -2.466  1.00 30.76 ? 11 DC  B "O5'" 1 
ATOM   204 C  "C5'" . DC  B 1 1  ? -7.030  17.554  -3.165  1.00 30.75 ? 11 DC  B "C5'" 1 
ATOM   205 C  "C4'" . DC  B 1 1  ? -6.823  17.432  -4.653  1.00 30.69 ? 11 DC  B "C4'" 1 
ATOM   206 O  "O4'" . DC  B 1 1  ? -5.456  17.751  -4.983  1.00 29.35 ? 11 DC  B "O4'" 1 
ATOM   207 C  "C3'" . DC  B 1 1  ? -7.095  16.034  -5.169  1.00 33.07 ? 11 DC  B "C3'" 1 
ATOM   208 O  "O3'" . DC  B 1 1  ? -7.830  16.146  -6.367  1.00 33.46 ? 11 DC  B "O3'" 1 
ATOM   209 C  "C2'" . DC  B 1 1  ? -5.675  15.456  -5.333  1.00 33.24 ? 11 DC  B "C2'" 1 
ATOM   210 C  "C1'" . DC  B 1 1  ? -4.853  16.690  -5.671  1.00 31.00 ? 11 DC  B "C1'" 1 
ATOM   211 N  N1    . DC  B 1 1  ? -3.406  16.627  -5.321  1.00 30.76 ? 11 DC  B N1    1 
ATOM   212 C  C2    . DC  B 1 1  ? -2.491  16.311  -6.322  1.00 30.41 ? 11 DC  B C2    1 
ATOM   213 O  O2    . DC  B 1 1  ? -2.910  16.073  -7.457  1.00 30.78 ? 11 DC  B O2    1 
ATOM   214 N  N3    . DC  B 1 1  ? -1.177  16.284  -6.020  1.00 29.60 ? 11 DC  B N3    1 
ATOM   215 C  C4    . DC  B 1 1  ? -0.788  16.558  -4.774  1.00 32.96 ? 11 DC  B C4    1 
ATOM   216 N  N4    . DC  B 1 1  ? 0.523   16.496  -4.521  1.00 37.81 ? 11 DC  B N4    1 
ATOM   217 C  C5    . DC  B 1 1  ? -1.680  16.885  -3.712  1.00 30.78 ? 11 DC  B C5    1 
ATOM   218 C  C6    . DC  B 1 1  ? -2.976  16.907  -4.050  1.00 33.08 ? 11 DC  B C6    1 
ATOM   219 P  P     . DG  B 1 2  ? -9.407  15.986  -6.360  1.00 37.63 ? 12 DG  B P     1 
ATOM   220 O  OP1   . DG  B 1 2  ? -10.003 16.667  -7.523  1.00 36.15 ? 12 DG  B OP1   1 
ATOM   221 O  OP2   . DG  B 1 2  ? -9.879  16.327  -4.998  1.00 40.80 ? 12 DG  B OP2   1 
ATOM   222 O  "O5'" . DG  B 1 2  ? -9.607  14.429  -6.603  1.00 37.38 ? 12 DG  B "O5'" 1 
ATOM   223 C  "C5'" . DG  B 1 2  ? -9.130  13.843  -7.828  1.00 34.82 ? 12 DG  B "C5'" 1 
ATOM   224 C  "C4'" . DG  B 1 2  ? -8.505  12.476  -7.591  1.00 31.06 ? 12 DG  B "C4'" 1 
ATOM   225 O  "O4'" . DG  B 1 2  ? -7.144  12.645  -7.130  1.00 31.55 ? 12 DG  B "O4'" 1 
ATOM   226 C  "C3'" . DG  B 1 2  ? -9.193  11.616  -6.530  1.00 30.53 ? 12 DG  B "C3'" 1 
ATOM   227 O  "O3'" . DG  B 1 2  ? -9.447  10.325  -7.041  1.00 30.68 ? 12 DG  B "O3'" 1 
ATOM   228 C  "C2'" . DG  B 1 2  ? -8.190  11.527  -5.391  1.00 28.92 ? 12 DG  B "C2'" 1 
ATOM   229 C  "C1'" . DG  B 1 2  ? -6.908  11.610  -6.197  1.00 28.92 ? 12 DG  B "C1'" 1 
ATOM   230 N  N9    . DG  B 1 2  ? -5.761  12.018  -5.423  1.00 29.28 ? 12 DG  B N9    1 
ATOM   231 C  C8    . DG  B 1 2  ? -5.764  12.476  -4.130  1.00 29.63 ? 12 DG  B C8    1 
ATOM   232 N  N7    . DG  B 1 2  ? -4.592  12.803  -3.677  1.00 30.69 ? 12 DG  B N7    1 
ATOM   233 C  C5    . DG  B 1 2  ? -3.773  12.519  -4.742  1.00 30.22 ? 12 DG  B C5    1 
ATOM   234 C  C6    . DG  B 1 2  ? -2.393  12.678  -4.827  1.00 30.57 ? 12 DG  B C6    1 
ATOM   235 O  O6    . DG  B 1 2  ? -1.663  13.084  -3.938  1.00 29.20 ? 12 DG  B O6    1 
ATOM   236 N  N1    . DG  B 1 2  ? -1.898  12.305  -6.085  1.00 32.30 ? 12 DG  B N1    1 
ATOM   237 C  C2    . DG  B 1 2  ? -2.665  11.828  -7.134  1.00 31.28 ? 12 DG  B C2    1 
ATOM   238 N  N2    . DG  B 1 2  ? -1.992  11.532  -8.280  1.00 28.29 ? 12 DG  B N2    1 
ATOM   239 N  N3    . DG  B 1 2  ? -3.991  11.666  -7.036  1.00 29.05 ? 12 DG  B N3    1 
ATOM   240 C  C4    . DG  B 1 2  ? -4.460  12.030  -5.827  1.00 28.56 ? 12 DG  B C4    1 
ATOM   241 P  P     . DG  B 1 3  ? -10.812 9.973   -7.761  1.00 29.35 ? 13 DG  B P     1 
ATOM   242 O  OP1   . DG  B 1 3  ? -11.307 11.164  -8.467  1.00 30.76 ? 13 DG  B OP1   1 
ATOM   243 O  OP2   . DG  B 1 3  ? -11.641 9.394   -6.688  1.00 30.32 ? 13 DG  B OP2   1 
ATOM   244 O  "O5'" . DG  B 1 3  ? -10.380 8.851   -8.801  1.00 29.14 ? 13 DG  B "O5'" 1 
ATOM   245 C  "C5'" . DG  B 1 3  ? -9.492  9.106   -9.854  1.00 28.85 ? 13 DG  B "C5'" 1 
ATOM   246 C  "C4'" . DG  B 1 3  ? -8.503  7.967   -9.964  1.00 28.75 ? 13 DG  B "C4'" 1 
ATOM   247 O  "O4'" . DG  B 1 3  ? -7.424  8.199   -9.015  1.00 30.56 ? 13 DG  B "O4'" 1 
ATOM   248 C  "C3'" . DG  B 1 3  ? -9.054  6.587   -9.656  1.00 29.81 ? 13 DG  B "C3'" 1 
ATOM   249 O  "O3'" . DG  B 1 3  ? -8.315  5.647   -10.360 1.00 30.94 ? 13 DG  B "O3'" 1 
ATOM   250 C  "C2'" . DG  B 1 3  ? -8.690  6.411   -8.191  1.00 29.68 ? 13 DG  B "C2'" 1 
ATOM   251 C  "C1'" . DG  B 1 3  ? -7.311  7.068   -8.176  1.00 29.27 ? 13 DG  B "C1'" 1 
ATOM   252 N  N9    . DG  B 1 3  ? -6.834  7.543   -6.886  1.00 28.49 ? 13 DG  B N9    1 
ATOM   253 C  C8    . DG  B 1 3  ? -7.546  7.758   -5.734  1.00 26.25 ? 13 DG  B C8    1 
ATOM   254 N  N7    . DG  B 1 3  ? -6.788  8.180   -4.766  1.00 27.97 ? 13 DG  B N7    1 
ATOM   255 C  C5    . DG  B 1 3  ? -5.503  8.227   -5.289  1.00 27.40 ? 13 DG  B C5    1 
ATOM   256 C  C6    . DG  B 1 3  ? -4.263  8.613   -4.717  1.00 27.43 ? 13 DG  B C6    1 
ATOM   257 O  O6    . DG  B 1 3  ? -4.008  9.005   -3.576  1.00 28.97 ? 13 DG  B O6    1 
ATOM   258 N  N1    . DG  B 1 3  ? -3.219  8.492   -5.616  1.00 28.32 ? 13 DG  B N1    1 
ATOM   259 C  C2    . DG  B 1 3  ? -3.359  8.078   -6.922  1.00 28.94 ? 13 DG  B C2    1 
ATOM   260 N  N2    . DG  B 1 3  ? -2.248  8.038   -7.673  1.00 30.51 ? 13 DG  B N2    1 
ATOM   261 N  N3    . DG  B 1 3  ? -4.511  7.724   -7.463  1.00 28.09 ? 13 DG  B N3    1 
ATOM   262 C  C4    . DG  B 1 3  ? -5.531  7.837   -6.601  1.00 27.60 ? 13 DG  B C4    1 
ATOM   263 P  P     . DG  B 1 4  ? -8.816  4.877   -11.636 1.00 29.96 ? 14 DG  B P     1 
ATOM   264 O  OP1   . DG  B 1 4  ? -9.245  5.837   -12.647 1.00 31.97 ? 14 DG  B OP1   1 
ATOM   265 O  OP2   . DG  B 1 4  ? -9.708  3.820   -11.172 1.00 32.48 ? 14 DG  B OP2   1 
ATOM   266 O  "O5'" . DG  B 1 4  ? -7.451  4.250   -12.130 1.00 30.95 ? 14 DG  B "O5'" 1 
ATOM   267 C  "C5'" . DG  B 1 4  ? -6.479  5.101   -12.705 1.00 31.01 ? 14 DG  B "C5'" 1 
ATOM   268 C  "C4'" . DG  B 1 4  ? -5.078  4.541   -12.509 1.00 31.83 ? 14 DG  B "C4'" 1 
ATOM   269 O  "O4'" . DG  B 1 4  ? -4.605  4.709   -11.140 1.00 33.60 ? 14 DG  B "O4'" 1 
ATOM   270 C  "C3'" . DG  B 1 4  ? -4.920  3.063   -12.773 1.00 32.64 ? 14 DG  B "C3'" 1 
ATOM   271 O  "O3'" . DG  B 1 4  ? -3.630  2.898   -13.341 1.00 33.13 ? 14 DG  B "O3'" 1 
ATOM   272 C  "C2'" . DG  B 1 4  ? -5.110  2.437   -11.383 1.00 33.54 ? 14 DG  B "C2'" 1 
ATOM   273 C  "C1'" . DG  B 1 4  ? -4.429  3.461   -10.495 1.00 32.64 ? 14 DG  B "C1'" 1 
ATOM   274 N  N9    . DG  B 1 4  ? -4.991  3.623   -9.162  1.00 32.85 ? 14 DG  B N9    1 
ATOM   275 C  C8    . DG  B 1 4  ? -6.273  3.398   -8.779  1.00 33.06 ? 14 DG  B C8    1 
ATOM   276 N  N7    . DG  B 1 4  ? -6.465  3.659   -7.526  1.00 34.71 ? 14 DG  B N7    1 
ATOM   277 C  C5    . DG  B 1 4  ? -5.243  4.092   -7.035  1.00 32.02 ? 14 DG  B C5    1 
ATOM   278 C  C6    . DG  B 1 4  ? -4.842  4.525   -5.740  1.00 32.00 ? 14 DG  B C6    1 
ATOM   279 O  O6    . DG  B 1 4  ? -5.490  4.607   -4.704  1.00 32.09 ? 14 DG  B O6    1 
ATOM   280 N  N1    . DG  B 1 4  ? -3.506  4.888   -5.680  1.00 32.96 ? 14 DG  B N1    1 
ATOM   281 C  C2    . DG  B 1 4  ? -2.660  4.836   -6.756  1.00 34.28 ? 14 DG  B C2    1 
ATOM   282 N  N2    . DG  B 1 4  ? -1.407  5.216   -6.546  1.00 34.09 ? 14 DG  B N2    1 
ATOM   283 N  N3    . DG  B 1 4  ? -3.020  4.445   -7.967  1.00 34.49 ? 14 DG  B N3    1 
ATOM   284 C  C4    . DG  B 1 4  ? -4.327  4.079   -8.041  1.00 32.68 ? 14 DG  B C4    1 
ATOM   285 P  P     . DT  B 1 5  ? -2.925  1.483   -13.514 1.00 34.39 ? 15 DT  B P     1 
ATOM   286 O  OP1   . DT  B 1 5  ? -2.133  1.606   -14.738 1.00 35.24 ? 15 DT  B OP1   1 
ATOM   287 O  OP2   . DT  B 1 5  ? -3.876  0.368   -13.389 1.00 34.84 ? 15 DT  B OP2   1 
ATOM   288 O  "O5'" . DT  B 1 5  ? -1.943  1.382   -12.265 1.00 33.86 ? 15 DT  B "O5'" 1 
ATOM   289 C  "C5'" . DT  B 1 5  ? -1.018  2.412   -12.022 1.00 33.86 ? 15 DT  B "C5'" 1 
ATOM   290 C  "C4'" . DT  B 1 5  ? 0.014   1.927   -11.056 1.00 33.42 ? 15 DT  B "C4'" 1 
ATOM   291 O  "O4'" . DT  B 1 5  ? -0.419  2.234   -9.715  1.00 33.35 ? 15 DT  B "O4'" 1 
ATOM   292 C  "C3'" . DT  B 1 5  ? 0.211   0.423   -11.159 1.00 36.14 ? 15 DT  B "C3'" 1 
ATOM   293 O  "O3'" . DT  B 1 5  ? 1.598   0.183   -11.446 1.00 38.25 ? 15 DT  B "O3'" 1 
ATOM   294 C  "C2'" . DT  B 1 5  ? -0.252  -0.142  -9.809  1.00 34.24 ? 15 DT  B "C2'" 1 
ATOM   295 C  "C1'" . DT  B 1 5  ? -0.356  1.085   -8.901  1.00 31.51 ? 15 DT  B "C1'" 1 
ATOM   296 N  N1    . DT  B 1 5  ? -1.572  0.998   -8.088  1.00 30.09 ? 15 DT  B N1    1 
ATOM   297 C  C2    . DT  B 1 5  ? -1.686  1.628   -6.841  1.00 31.21 ? 15 DT  B C2    1 
ATOM   298 O  O2    . DT  B 1 5  ? -0.833  2.327   -6.334  1.00 31.36 ? 15 DT  B O2    1 
ATOM   299 N  N3    . DT  B 1 5  ? -2.880  1.431   -6.191  1.00 31.60 ? 15 DT  B N3    1 
ATOM   300 C  C4    . DT  B 1 5  ? -3.954  0.683   -6.674  1.00 33.06 ? 15 DT  B C4    1 
ATOM   301 O  O4    . DT  B 1 5  ? -4.984  0.575   -6.022  1.00 34.85 ? 15 DT  B O4    1 
ATOM   302 C  C5    . DT  B 1 5  ? -3.764  0.047   -7.978  1.00 31.86 ? 15 DT  B C5    1 
ATOM   303 C  C7    . DT  B 1 5  ? -4.810  -0.817  -8.625  1.00 31.85 ? 15 DT  B C7    1 
ATOM   304 C  C6    . DT  B 1 5  ? -2.594  0.228   -8.597  1.00 29.46 ? 15 DT  B C6    1 
ATOM   305 P  P     . DA  B 1 6  ? 2.282   -1.227  -11.197 1.00 37.19 ? 16 DA  B P     1 
ATOM   306 O  OP1   . DA  B 1 6  ? 3.429   -1.293  -12.127 1.00 40.12 ? 16 DA  B OP1   1 
ATOM   307 O  OP2   . DA  B 1 6  ? 1.219   -2.251  -11.185 1.00 39.47 ? 16 DA  B OP2   1 
ATOM   308 O  "O5'" . DA  B 1 6  ? 2.885   -1.179  -9.726  1.00 34.44 ? 16 DA  B "O5'" 1 
ATOM   309 C  "C5'" . DA  B 1 6  ? 3.839   -0.196  -9.349  1.00 33.37 ? 16 DA  B "C5'" 1 
ATOM   310 C  "C4'" . DA  B 1 6  ? 4.223   -0.349  -7.892  1.00 31.96 ? 16 DA  B "C4'" 1 
ATOM   311 O  "O4'" . DA  B 1 6  ? 3.038   -0.371  -7.046  1.00 32.28 ? 16 DA  B "O4'" 1 
ATOM   312 C  "C3'" . DA  B 1 6  ? 4.957   -1.652  -7.609  1.00 32.51 ? 16 DA  B "C3'" 1 
ATOM   313 O  "O3'" . DA  B 1 6  ? 6.001   -1.410  -6.664  1.00 31.55 ? 16 DA  B "O3'" 1 
ATOM   314 C  "C2'" . DA  B 1 6  ? 3.841   -2.597  -7.122  1.00 32.19 ? 16 DA  B "C2'" 1 
ATOM   315 C  "C1'" . DA  B 1 6  ? 2.905   -1.640  -6.411  1.00 30.78 ? 16 DA  B "C1'" 1 
ATOM   316 N  N9    . DA  B 1 6  ? 1.488   -1.985  -6.427  1.00 29.61 ? 16 DA  B N9    1 
ATOM   317 C  C8    . DA  B 1 6  ? 0.782   -2.753  -7.311  1.00 28.41 ? 16 DA  B C8    1 
ATOM   318 N  N7    . DA  B 1 6  ? -0.495  -2.851  -7.020  1.00 27.01 ? 16 DA  B N7    1 
ATOM   319 C  C5    . DA  B 1 6  ? -0.624  -2.111  -5.852  1.00 26.86 ? 16 DA  B C5    1 
ATOM   320 C  C6    . DA  B 1 6  ? -1.696  -1.801  -5.009  1.00 28.35 ? 16 DA  B C6    1 
ATOM   321 N  N6    . DA  B 1 6  ? -2.945  -2.205  -5.217  1.00 31.58 ? 16 DA  B N6    1 
ATOM   322 N  N1    . DA  B 1 6  ? -1.480  -1.035  -3.931  1.00 27.11 ? 16 DA  B N1    1 
ATOM   323 C  C2    . DA  B 1 6  ? -0.255  -0.605  -3.692  1.00 27.69 ? 16 DA  B C2    1 
ATOM   324 N  N3    . DA  B 1 6  ? 0.827   -0.827  -4.405  1.00 28.59 ? 16 DA  B N3    1 
ATOM   325 C  C4    . DA  B 1 6  ? 0.578   -1.577  -5.479  1.00 27.24 ? 16 DA  B C4    1 
ATOM   326 P  P     . DC  B 1 7  ? 7.017   -2.553  -6.218  1.00 33.37 ? 17 DC  B P     1 
ATOM   327 O  OP1   . DC  B 1 7  ? 8.363   -1.953  -6.231  1.00 35.34 ? 17 DC  B OP1   1 
ATOM   328 O  OP2   . DC  B 1 7  ? 6.687   -3.795  -6.943  1.00 29.56 ? 17 DC  B OP2   1 
ATOM   329 O  "O5'" . DC  B 1 7  ? 6.718   -2.802  -4.684  1.00 32.68 ? 17 DC  B "O5'" 1 
ATOM   330 C  "C5'" . DC  B 1 7  ? 6.470   -1.742  -3.770  1.00 34.20 ? 17 DC  B "C5'" 1 
ATOM   331 C  "C4'" . DC  B 1 7  ? 5.729   -2.350  -2.602  1.00 34.89 ? 17 DC  B "C4'" 1 
ATOM   332 O  "O4'" . DC  B 1 7  ? 4.362   -2.633  -2.967  1.00 34.15 ? 17 DC  B "O4'" 1 
ATOM   333 C  "C3'" . DC  B 1 7  ? 6.305   -3.700  -2.206  1.00 37.01 ? 17 DC  B "C3'" 1 
ATOM   334 O  "O3'" . DC  B 1 7  ? 6.340   -3.784  -0.806  1.00 39.20 ? 17 DC  B "O3'" 1 
ATOM   335 C  "C2'" . DC  B 1 7  ? 5.316   -4.695  -2.799  1.00 35.89 ? 17 DC  B "C2'" 1 
ATOM   336 C  "C1'" . DC  B 1 7  ? 4.036   -3.924  -2.521  1.00 32.77 ? 17 DC  B "C1'" 1 
ATOM   337 N  N1    . DC  B 1 7  ? 2.810   -4.413  -3.204  1.00 30.44 ? 17 DC  B N1    1 
ATOM   338 C  C2    . DC  B 1 7  ? 1.549   -4.194  -2.612  1.00 30.17 ? 17 DC  B C2    1 
ATOM   339 O  O2    . DC  B 1 7  ? 1.433   -3.608  -1.542  1.00 31.34 ? 17 DC  B O2    1 
ATOM   340 N  N3    . DC  B 1 7  ? 0.438   -4.648  -3.220  1.00 30.23 ? 17 DC  B N3    1 
ATOM   341 C  C4    . DC  B 1 7  ? 0.537   -5.282  -4.386  1.00 29.32 ? 17 DC  B C4    1 
ATOM   342 N  N4    . DC  B 1 7  ? -0.617  -5.670  -4.938  1.00 30.74 ? 17 DC  B N4    1 
ATOM   343 C  C5    . DC  B 1 7  ? 1.799   -5.517  -5.017  1.00 28.78 ? 17 DC  B C5    1 
ATOM   344 C  C6    . DC  B 1 7  ? 2.901   -5.073  -4.395  1.00 29.51 ? 17 DC  B C6    1 
ATOM   345 P  P     . DC  B 1 8  ? 7.716   -3.771  -0.010  1.00 39.63 ? 18 DC  B P     1 
ATOM   346 O  OP1   . DC  B 1 8  ? 8.380   -2.494  -0.299  1.00 38.23 ? 18 DC  B OP1   1 
ATOM   347 O  OP2   . DC  B 1 8  ? 8.449   -5.037  -0.273  1.00 38.40 ? 18 DC  B OP2   1 
ATOM   348 O  "O5'" . DC  B 1 8  ? 7.172   -3.786  1.496   1.00 38.59 ? 18 DC  B "O5'" 1 
ATOM   349 C  "C5'" . DC  B 1 8  ? 5.976   -3.101  1.864   1.00 35.86 ? 18 DC  B "C5'" 1 
ATOM   350 C  "C4'" . DC  B 1 8  ? 4.992   -4.037  2.550   1.00 33.42 ? 18 DC  B "C4'" 1 
ATOM   351 O  "O4'" . DC  B 1 8  ? 4.148   -4.677  1.572   1.00 33.61 ? 18 DC  B "O4'" 1 
ATOM   352 C  "C3'" . DC  B 1 8  ? 5.575   -5.168  3.370   1.00 34.21 ? 18 DC  B "C3'" 1 
ATOM   353 O  "O3'" . DC  B 1 8  ? 4.812   -5.296  4.545   1.00 38.69 ? 18 DC  B "O3'" 1 
ATOM   354 C  "C2'" . DC  B 1 8  ? 5.307   -6.390  2.509   1.00 34.25 ? 18 DC  B "C2'" 1 
ATOM   355 C  "C1'" . DC  B 1 8  ? 3.991   -6.031  1.849   1.00 32.76 ? 18 DC  B "C1'" 1 
ATOM   356 N  N1    . DC  B 1 8  ? 3.770   -6.742  0.569   1.00 33.87 ? 18 DC  B N1    1 
ATOM   357 C  C2    . DC  B 1 8  ? 2.494   -7.149  0.161   1.00 33.53 ? 18 DC  B C2    1 
ATOM   358 O  O2    . DC  B 1 8  ? 1.503   -6.900  0.846   1.00 36.26 ? 18 DC  B O2    1 
ATOM   359 N  N3    . DC  B 1 8  ? 2.361   -7.810  -1.009  1.00 33.29 ? 18 DC  B N3    1 
ATOM   360 C  C4    . DC  B 1 8  ? 3.426   -8.086  -1.763  1.00 34.82 ? 18 DC  B C4    1 
ATOM   361 N  N4    . DC  B 1 8  ? 3.226   -8.742  -2.914  1.00 36.04 ? 18 DC  B N4    1 
ATOM   362 C  C5    . DC  B 1 8  ? 4.747   -7.718  -1.373  1.00 33.77 ? 18 DC  B C5    1 
ATOM   363 C  C6    . DC  B 1 8  ? 4.857   -7.057  -0.213  1.00 35.40 ? 18 DC  B C6    1 
ATOM   364 P  P     . DC  B 1 9  ? 5.450   -5.246  6.006   1.00 40.20 ? 19 DC  B P     1 
ATOM   365 O  OP1   . DC  B 1 9  ? 5.752   -3.838  6.348   1.00 35.73 ? 19 DC  B OP1   1 
ATOM   366 O  OP2   . DC  B 1 9  ? 6.512   -6.298  6.017   1.00 40.76 ? 19 DC  B OP2   1 
ATOM   367 O  "O5'" . DC  B 1 9  ? 4.259   -5.782  6.940   1.00 39.09 ? 19 DC  B "O5'" 1 
ATOM   368 C  "C5'" . DC  B 1 9  ? 2.852   -5.677  6.647   1.00 37.38 ? 19 DC  B "C5'" 1 
ATOM   369 C  "C4'" . DC  B 1 9  ? 2.200   -7.053  6.554   1.00 33.66 ? 19 DC  B "C4'" 1 
ATOM   370 O  "O4'" . DC  B 1 9  ? 2.359   -7.533  5.192   1.00 33.44 ? 19 DC  B "O4'" 1 
ATOM   371 C  "C3'" . DC  B 1 9  ? 2.821   -8.105  7.466   1.00 33.20 ? 19 DC  B "C3'" 1 
ATOM   372 O  "O3'" . DC  B 1 9  ? 1.916   -8.717  8.370   1.00 35.27 ? 19 DC  B "O3'" 1 
ATOM   373 C  "C2'" . DC  B 1 9  ? 3.291   -9.166  6.463   1.00 34.12 ? 19 DC  B "C2'" 1 
ATOM   374 C  "C1'" . DC  B 1 9  ? 2.393   -8.936  5.253   1.00 32.02 ? 19 DC  B "C1'" 1 
ATOM   375 N  N1    . DC  B 1 9  ? 2.846   -9.516  3.942   1.00 30.15 ? 19 DC  B N1    1 
ATOM   376 C  C2    . DC  B 1 9  ? 1.922   -9.817  2.924   1.00 30.37 ? 19 DC  B C2    1 
ATOM   377 O  O2    . DC  B 1 9  ? 0.715   -9.616  3.072   1.00 30.97 ? 19 DC  B O2    1 
ATOM   378 N  N3    . DC  B 1 9  ? 2.382   -10.356 1.759   1.00 29.99 ? 19 DC  B N3    1 
ATOM   379 C  C4    . DC  B 1 9  ? 3.687   -10.576 1.578   1.00 27.63 ? 19 DC  B C4    1 
ATOM   380 N  N4    . DC  B 1 9  ? 4.068   -11.077 0.405   1.00 25.79 ? 19 DC  B N4    1 
ATOM   381 C  C5    . DC  B 1 9  ? 4.640   -10.293 2.586   1.00 24.24 ? 19 DC  B C5    1 
ATOM   382 C  C6    . DC  B 1 9  ? 4.174   -9.778  3.723   1.00 28.13 ? 19 DC  B C6    1 
ATOM   383 P  P     . DG  B 1 10 ? 1.173   -8.010  9.601   1.00 36.24 ? 20 DG  B P     1 
ATOM   384 O  OP1   . DG  B 1 10 ? 0.980   -6.611  9.216   1.00 35.97 ? 20 DG  B OP1   1 
ATOM   385 O  OP2   . DG  B 1 10 ? 1.950   -8.324  10.815  1.00 36.13 ? 20 DG  B OP2   1 
ATOM   386 O  "O5'" . DG  B 1 10 ? -0.245  -8.753  9.727   1.00 31.62 ? 20 DG  B "O5'" 1 
ATOM   387 C  "C5'" . DG  B 1 10 ? -1.358  -8.315  8.967   1.00 32.39 ? 20 DG  B "C5'" 1 
ATOM   388 C  "C4'" . DG  B 1 10 ? -2.135  -9.490  8.366   1.00 33.14 ? 20 DG  B "C4'" 1 
ATOM   389 O  "O4'" . DG  B 1 10 ? -1.417  -10.105 7.263   1.00 32.60 ? 20 DG  B "O4'" 1 
ATOM   390 C  "C3'" . DG  B 1 10 ? -2.450  -10.623 9.337   1.00 33.89 ? 20 DG  B "C3'" 1 
ATOM   391 O  "O3'" . DG  B 1 10 ? -3.734  -11.081 9.085   1.00 34.84 ? 20 DG  B "O3'" 1 
ATOM   392 C  "C2'" . DG  B 1 10 ? -1.452  -11.714 9.005   1.00 34.48 ? 20 DG  B "C2'" 1 
ATOM   393 C  "C1'" . DG  B 1 10 ? -1.232  -11.475 7.513   1.00 31.96 ? 20 DG  B "C1'" 1 
ATOM   394 N  N9    . DG  B 1 10 ? 0.111   -11.833 7.112   1.00 28.36 ? 20 DG  B N9    1 
ATOM   395 C  C8    . DG  B 1 10 ? 1.248   -11.737 7.840   1.00 29.37 ? 20 DG  B C8    1 
ATOM   396 N  N7    . DG  B 1 10 ? 2.311   -12.140 7.211   1.00 32.02 ? 20 DG  B N7    1 
ATOM   397 C  C5    . DG  B 1 10 ? 1.841   -12.538 5.974   1.00 30.02 ? 20 DG  B C5    1 
ATOM   398 C  C6    . DG  B 1 10 ? 2.523   -13.076 4.858   1.00 29.33 ? 20 DG  B C6    1 
ATOM   399 O  O6    . DG  B 1 10 ? 3.730   -13.315 4.702   1.00 29.90 ? 20 DG  B O6    1 
ATOM   400 N  N1    . DG  B 1 10 ? 1.634   -13.358 3.830   1.00 29.67 ? 20 DG  B N1    1 
ATOM   401 C  C2    . DG  B 1 10 ? 0.279   -13.115 3.860   1.00 31.06 ? 20 DG  B C2    1 
ATOM   402 N  N2    . DG  B 1 10 ? -0.407  -13.434 2.765   1.00 35.65 ? 20 DG  B N2    1 
ATOM   403 N  N3    . DG  B 1 10 ? -0.376  -12.607 4.885   1.00 32.31 ? 20 DG  B N3    1 
ATOM   404 C  C4    . DG  B 1 10 ? 0.475   -12.357 5.914   1.00 31.19 ? 20 DG  B C4    1 
HETATM 405 CA CA    . CA  C 2 .  ? -5.069  9.042   -11.446 1.00 43.18 ? 1  CA  B CA    1 
HETATM 406 O  O     . HOH D 3 .  ? 4.172   13.412  6.719   1.00 26.65 ? 11 HOH A O     1 
HETATM 407 O  O     . HOH D 3 .  ? -2.735  -17.113 0.420   1.00 24.79 ? 12 HOH A O     1 
HETATM 408 O  O     . HOH D 3 .  ? 8.889   2.904   16.660  1.00 27.75 ? 13 HOH A O     1 
HETATM 409 O  O     . HOH D 3 .  ? 16.419  5.639   17.995  1.00 34.06 ? 14 HOH A O     1 
HETATM 410 O  O     . HOH D 3 .  ? 3.403   10.732  9.286   1.00 22.60 ? 15 HOH A O     1 
HETATM 411 O  O     . HOH D 3 .  ? -1.572  -9.011  -7.300  1.00 34.54 ? 16 HOH A O     1 
HETATM 412 O  O     . HOH D 3 .  ? -10.575 -5.909  -5.464  1.00 40.73 ? 17 HOH A O     1 
HETATM 413 O  O     . HOH D 3 .  ? 11.963  4.099   6.651   1.00 24.78 ? 18 HOH A O     1 
HETATM 414 O  O     . HOH D 3 .  ? -3.758  -10.335 1.322   1.00 36.78 ? 19 HOH A O     1 
HETATM 415 O  O     . HOH D 3 .  ? -8.312  -1.597  -4.976  1.00 28.23 ? 20 HOH A O     1 
HETATM 416 O  O     . HOH E 3 .  ? -6.072  12.727  -10.925 1.00 29.91 ? 3  HOH B O     1 
HETATM 417 O  O     . HOH E 3 .  ? -14.134 12.598  -5.358  1.00 36.70 ? 4  HOH B O     1 
HETATM 418 O  O     . HOH E 3 .  ? 0.077   -5.041  3.426   1.00 33.84 ? 6  HOH B O     1 
HETATM 419 O  O     . HOH E 3 .  ? -1.029  -8.868  4.851   1.00 29.01 ? 10 HOH B O     1 
HETATM 420 O  O     . HOH E 3 .  ? -13.649 13.559  -8.294  1.00 27.67 ? 21 HOH B O     1 
HETATM 421 O  O     . HOH E 3 .  ? -8.003  6.892   -0.900  1.00 37.06 ? 22 HOH B O     1 
HETATM 422 O  O     . HOH E 3 .  ? 5.381   -13.120 6.577   1.00 31.13 ? 23 HOH B O     1 
HETATM 423 O  O     . HOH E 3 .  ? -12.074 5.381   -8.113  1.00 27.35 ? 24 HOH B O     1 
# 
loop_
_pdbx_poly_seq_scheme.asym_id 
_pdbx_poly_seq_scheme.entity_id 
_pdbx_poly_seq_scheme.seq_id 
_pdbx_poly_seq_scheme.mon_id 
_pdbx_poly_seq_scheme.ndb_seq_num 
_pdbx_poly_seq_scheme.pdb_seq_num 
_pdbx_poly_seq_scheme.auth_seq_num 
_pdbx_poly_seq_scheme.pdb_mon_id 
_pdbx_poly_seq_scheme.auth_mon_id 
_pdbx_poly_seq_scheme.pdb_strand_id 
_pdbx_poly_seq_scheme.pdb_ins_code 
_pdbx_poly_seq_scheme.hetero 
A 1 1  DC 1  1  1  DC DC A . n 
A 1 2  DG 2  2  2  DG DG A . n 
A 1 3  DG 3  3  3  DG DG A . n 
A 1 4  DG 4  4  4  DG DG A . n 
A 1 5  DT 5  5  5  DT DT A . n 
A 1 6  DA 6  6  6  DA DA A . n 
A 1 7  DC 7  7  7  DC DC A . n 
A 1 8  DC 8  8  8  DC DC A . n 
A 1 9  DC 9  9  9  DC DC A . n 
A 1 10 DG 10 10 10 DG DG A . n 
B 1 1  DC 1  11 11 DC DC B . n 
B 1 2  DG 2  12 12 DG DG B . n 
B 1 3  DG 3  13 13 DG DG B . n 
B 1 4  DG 4  14 14 DG DG B . n 
B 1 5  DT 5  15 15 DT DT B . n 
B 1 6  DA 6  16 16 DA DA B . n 
B 1 7  DC 7  17 17 DC DC B . n 
B 1 8  DC 8  18 18 DC DC B . n 
B 1 9  DC 9  19 19 DC DC B . n 
B 1 10 DG 10 20 20 DG DG B . n 
# 
loop_
_pdbx_nonpoly_scheme.asym_id 
_pdbx_nonpoly_scheme.entity_id 
_pdbx_nonpoly_scheme.mon_id 
_pdbx_nonpoly_scheme.ndb_seq_num 
_pdbx_nonpoly_scheme.pdb_seq_num 
_pdbx_nonpoly_scheme.auth_seq_num 
_pdbx_nonpoly_scheme.pdb_mon_id 
_pdbx_nonpoly_scheme.auth_mon_id 
_pdbx_nonpoly_scheme.pdb_strand_id 
_pdbx_nonpoly_scheme.pdb_ins_code 
C 2 CA  1  1  1  CA  CA  B . 
D 3 HOH 1  11 11 HOH HOH A . 
D 3 HOH 2  12 1  HOH HOH A . 
D 3 HOH 3  13 2  HOH HOH A . 
D 3 HOH 4  14 14 HOH HOH A . 
D 3 HOH 5  15 15 HOH HOH A . 
D 3 HOH 6  16 5  HOH HOH A . 
D 3 HOH 7  17 17 HOH HOH A . 
D 3 HOH 8  18 7  HOH HOH A . 
D 3 HOH 9  19 8  HOH HOH A . 
D 3 HOH 10 20 9  HOH HOH A . 
E 3 HOH 1  3  3  HOH HOH B . 
E 3 HOH 2  4  4  HOH HOH B . 
E 3 HOH 3  6  6  HOH HOH B . 
E 3 HOH 4  10 10 HOH HOH B . 
E 3 HOH 5  21 12 HOH HOH B . 
E 3 HOH 6  22 13 HOH HOH B . 
E 3 HOH 7  23 16 HOH HOH B . 
E 3 HOH 8  24 18 HOH HOH B . 
# 
_pdbx_struct_assembly.id                   1 
_pdbx_struct_assembly.details              author_and_software_defined_assembly 
_pdbx_struct_assembly.method_details       PISA 
_pdbx_struct_assembly.oligomeric_details   tetrameric 
_pdbx_struct_assembly.oligomeric_count     4 
# 
_pdbx_struct_assembly_gen.assembly_id       1 
_pdbx_struct_assembly_gen.oper_expression   1,2 
_pdbx_struct_assembly_gen.asym_id_list      A,B,C,D,E 
# 
loop_
_pdbx_struct_assembly_prop.biol_id 
_pdbx_struct_assembly_prop.type 
_pdbx_struct_assembly_prop.value 
_pdbx_struct_assembly_prop.details 
1 'ABSA (A^2)' 2940 ? 
1 MORE         -24  ? 
1 'SSA (A^2)'  6840 ? 
# 
loop_
_pdbx_struct_oper_list.id 
_pdbx_struct_oper_list.type 
_pdbx_struct_oper_list.name 
_pdbx_struct_oper_list.symmetry_operation 
_pdbx_struct_oper_list.matrix[1][1] 
_pdbx_struct_oper_list.matrix[1][2] 
_pdbx_struct_oper_list.matrix[1][3] 
_pdbx_struct_oper_list.vector[1] 
_pdbx_struct_oper_list.matrix[2][1] 
_pdbx_struct_oper_list.matrix[2][2] 
_pdbx_struct_oper_list.matrix[2][3] 
_pdbx_struct_oper_list.vector[2] 
_pdbx_struct_oper_list.matrix[3][1] 
_pdbx_struct_oper_list.matrix[3][2] 
_pdbx_struct_oper_list.matrix[3][3] 
_pdbx_struct_oper_list.vector[3] 
1 'identity operation'         1_555 x,y,z     1.0000000000 0.0000000000 0.0000000000  0.0000000000  0.0000000000 1.0000000000  0.0000000000  0.0000000000  0.0000000000  0.0000000000  1.0000000000  0.0000000000 
2 'crystal symmetry operation' 2_556 -x,y,-z+1 0.6245437414 0.6317004706 -0.4592380979 -2.7581861161 0.6317004706 -0.7543645798 -0.1785737836 12.1957814213 -0.4592380979 -0.1785737836 -0.8701791616 7.0187706225 
# 
loop_
_pdbx_audit_revision_history.ordinal 
_pdbx_audit_revision_history.data_content_type 
_pdbx_audit_revision_history.major_revision 
_pdbx_audit_revision_history.minor_revision 
_pdbx_audit_revision_history.revision_date 
1 'Structure model' 1 0 2011-12-21 
2 'Structure model' 1 1 2023-11-01 
# 
_pdbx_audit_revision_details.ordinal             1 
_pdbx_audit_revision_details.revision_ordinal    1 
_pdbx_audit_revision_details.data_content_type   'Structure model' 
_pdbx_audit_revision_details.provider            repository 
_pdbx_audit_revision_details.type                'Initial release' 
_pdbx_audit_revision_details.description         ? 
_pdbx_audit_revision_details.details             ? 
# 
loop_
_pdbx_audit_revision_group.ordinal 
_pdbx_audit_revision_group.revision_ordinal 
_pdbx_audit_revision_group.data_content_type 
_pdbx_audit_revision_group.group 
1 2 'Structure model' 'Data collection'        
2 2 'Structure model' 'Database references'    
3 2 'Structure model' 'Derived calculations'   
4 2 'Structure model' 'Refinement description' 
# 
loop_
_pdbx_audit_revision_category.ordinal 
_pdbx_audit_revision_category.revision_ordinal 
_pdbx_audit_revision_category.data_content_type 
_pdbx_audit_revision_category.category 
1 2 'Structure model' chem_comp_atom                
2 2 'Structure model' chem_comp_bond                
3 2 'Structure model' database_2                    
4 2 'Structure model' pdbx_initial_refinement_model 
5 2 'Structure model' struct_site                   
# 
loop_
_pdbx_audit_revision_item.ordinal 
_pdbx_audit_revision_item.revision_ordinal 
_pdbx_audit_revision_item.data_content_type 
_pdbx_audit_revision_item.item 
1 2 'Structure model' '_database_2.pdbx_DOI'                
2 2 'Structure model' '_database_2.pdbx_database_accession' 
3 2 'Structure model' '_struct_site.pdbx_auth_asym_id'      
4 2 'Structure model' '_struct_site.pdbx_auth_comp_id'      
5 2 'Structure model' '_struct_site.pdbx_auth_seq_id'       
# 
loop_
_software.name 
_software.classification 
_software.version 
_software.citation_id 
_software.pdbx_ordinal 
MAR345dtb 'data collection' .        ? 1 
PHASER    phasing           .        ? 2 
REFMAC    refinement        5.2.0019 ? 3 
AUTOMAR   'data reduction'  .        ? 4 
SCALEPACK 'data scaling'    .        ? 5 
# 
loop_
_pdbx_validate_rmsd_angle.id 
_pdbx_validate_rmsd_angle.PDB_model_num 
_pdbx_validate_rmsd_angle.auth_atom_id_1 
_pdbx_validate_rmsd_angle.auth_asym_id_1 
_pdbx_validate_rmsd_angle.auth_comp_id_1 
_pdbx_validate_rmsd_angle.auth_seq_id_1 
_pdbx_validate_rmsd_angle.PDB_ins_code_1 
_pdbx_validate_rmsd_angle.label_alt_id_1 
_pdbx_validate_rmsd_angle.auth_atom_id_2 
_pdbx_validate_rmsd_angle.auth_asym_id_2 
_pdbx_validate_rmsd_angle.auth_comp_id_2 
_pdbx_validate_rmsd_angle.auth_seq_id_2 
_pdbx_validate_rmsd_angle.PDB_ins_code_2 
_pdbx_validate_rmsd_angle.label_alt_id_2 
_pdbx_validate_rmsd_angle.auth_atom_id_3 
_pdbx_validate_rmsd_angle.auth_asym_id_3 
_pdbx_validate_rmsd_angle.auth_comp_id_3 
_pdbx_validate_rmsd_angle.auth_seq_id_3 
_pdbx_validate_rmsd_angle.PDB_ins_code_3 
_pdbx_validate_rmsd_angle.label_alt_id_3 
_pdbx_validate_rmsd_angle.angle_value 
_pdbx_validate_rmsd_angle.angle_target_value 
_pdbx_validate_rmsd_angle.angle_deviation 
_pdbx_validate_rmsd_angle.angle_standard_deviation 
_pdbx_validate_rmsd_angle.linker_flag 
1 1 "O4'" A DG 4  ? ? "C4'" A DG 4  ? ? "C3'" A DG 4  ? ? 100.34 104.50 -4.16 0.40 N 
2 1 "O4'" A DT 5  ? ? "C1'" A DT 5  ? ? N1    A DT 5  ? ? 110.88 108.30 2.58  0.30 N 
3 1 N3    A DC 9  ? ? C2    A DC 9  ? ? O2    A DC 9  ? ? 117.64 121.90 -4.26 0.70 N 
4 1 "O4'" A DG 10 ? ? "C1'" A DG 10 ? ? N9    A DG 10 ? ? 103.28 108.00 -4.72 0.70 N 
5 1 C4    B DT 15 ? ? C5    B DT 15 ? ? C7    B DT 15 ? ? 122.88 119.00 3.88  0.60 N 
6 1 C6    B DT 15 ? ? C5    B DT 15 ? ? C7    B DT 15 ? ? 119.18 122.90 -3.72 0.60 N 
7 1 "O4'" B DC 17 ? ? "C1'" B DC 17 ? ? N1    B DC 17 ? ? 110.32 108.30 2.02  0.30 N 
8 1 "O4'" B DC 19 ? ? "C1'" B DC 19 ? ? N1    B DC 19 ? ? 110.79 108.30 2.49  0.30 N 
# 
loop_
_chem_comp_atom.comp_id 
_chem_comp_atom.atom_id 
_chem_comp_atom.type_symbol 
_chem_comp_atom.pdbx_aromatic_flag 
_chem_comp_atom.pdbx_stereo_config 
_chem_comp_atom.pdbx_ordinal 
CA  CA     CA N N 1   
DA  OP3    O  N N 2   
DA  P      P  N N 3   
DA  OP1    O  N N 4   
DA  OP2    O  N N 5   
DA  "O5'"  O  N N 6   
DA  "C5'"  C  N N 7   
DA  "C4'"  C  N R 8   
DA  "O4'"  O  N N 9   
DA  "C3'"  C  N S 10  
DA  "O3'"  O  N N 11  
DA  "C2'"  C  N N 12  
DA  "C1'"  C  N R 13  
DA  N9     N  Y N 14  
DA  C8     C  Y N 15  
DA  N7     N  Y N 16  
DA  C5     C  Y N 17  
DA  C6     C  Y N 18  
DA  N6     N  N N 19  
DA  N1     N  Y N 20  
DA  C2     C  Y N 21  
DA  N3     N  Y N 22  
DA  C4     C  Y N 23  
DA  HOP3   H  N N 24  
DA  HOP2   H  N N 25  
DA  "H5'"  H  N N 26  
DA  "H5''" H  N N 27  
DA  "H4'"  H  N N 28  
DA  "H3'"  H  N N 29  
DA  "HO3'" H  N N 30  
DA  "H2'"  H  N N 31  
DA  "H2''" H  N N 32  
DA  "H1'"  H  N N 33  
DA  H8     H  N N 34  
DA  H61    H  N N 35  
DA  H62    H  N N 36  
DA  H2     H  N N 37  
DC  OP3    O  N N 38  
DC  P      P  N N 39  
DC  OP1    O  N N 40  
DC  OP2    O  N N 41  
DC  "O5'"  O  N N 42  
DC  "C5'"  C  N N 43  
DC  "C4'"  C  N R 44  
DC  "O4'"  O  N N 45  
DC  "C3'"  C  N S 46  
DC  "O3'"  O  N N 47  
DC  "C2'"  C  N N 48  
DC  "C1'"  C  N R 49  
DC  N1     N  N N 50  
DC  C2     C  N N 51  
DC  O2     O  N N 52  
DC  N3     N  N N 53  
DC  C4     C  N N 54  
DC  N4     N  N N 55  
DC  C5     C  N N 56  
DC  C6     C  N N 57  
DC  HOP3   H  N N 58  
DC  HOP2   H  N N 59  
DC  "H5'"  H  N N 60  
DC  "H5''" H  N N 61  
DC  "H4'"  H  N N 62  
DC  "H3'"  H  N N 63  
DC  "HO3'" H  N N 64  
DC  "H2'"  H  N N 65  
DC  "H2''" H  N N 66  
DC  "H1'"  H  N N 67  
DC  H41    H  N N 68  
DC  H42    H  N N 69  
DC  H5     H  N N 70  
DC  H6     H  N N 71  
DG  OP3    O  N N 72  
DG  P      P  N N 73  
DG  OP1    O  N N 74  
DG  OP2    O  N N 75  
DG  "O5'"  O  N N 76  
DG  "C5'"  C  N N 77  
DG  "C4'"  C  N R 78  
DG  "O4'"  O  N N 79  
DG  "C3'"  C  N S 80  
DG  "O3'"  O  N N 81  
DG  "C2'"  C  N N 82  
DG  "C1'"  C  N R 83  
DG  N9     N  Y N 84  
DG  C8     C  Y N 85  
DG  N7     N  Y N 86  
DG  C5     C  Y N 87  
DG  C6     C  N N 88  
DG  O6     O  N N 89  
DG  N1     N  N N 90  
DG  C2     C  N N 91  
DG  N2     N  N N 92  
DG  N3     N  N N 93  
DG  C4     C  Y N 94  
DG  HOP3   H  N N 95  
DG  HOP2   H  N N 96  
DG  "H5'"  H  N N 97  
DG  "H5''" H  N N 98  
DG  "H4'"  H  N N 99  
DG  "H3'"  H  N N 100 
DG  "HO3'" H  N N 101 
DG  "H2'"  H  N N 102 
DG  "H2''" H  N N 103 
DG  "H1'"  H  N N 104 
DG  H8     H  N N 105 
DG  H1     H  N N 106 
DG  H21    H  N N 107 
DG  H22    H  N N 108 
DT  OP3    O  N N 109 
DT  P      P  N N 110 
DT  OP1    O  N N 111 
DT  OP2    O  N N 112 
DT  "O5'"  O  N N 113 
DT  "C5'"  C  N N 114 
DT  "C4'"  C  N R 115 
DT  "O4'"  O  N N 116 
DT  "C3'"  C  N S 117 
DT  "O3'"  O  N N 118 
DT  "C2'"  C  N N 119 
DT  "C1'"  C  N R 120 
DT  N1     N  N N 121 
DT  C2     C  N N 122 
DT  O2     O  N N 123 
DT  N3     N  N N 124 
DT  C4     C  N N 125 
DT  O4     O  N N 126 
DT  C5     C  N N 127 
DT  C7     C  N N 128 
DT  C6     C  N N 129 
DT  HOP3   H  N N 130 
DT  HOP2   H  N N 131 
DT  "H5'"  H  N N 132 
DT  "H5''" H  N N 133 
DT  "H4'"  H  N N 134 
DT  "H3'"  H  N N 135 
DT  "HO3'" H  N N 136 
DT  "H2'"  H  N N 137 
DT  "H2''" H  N N 138 
DT  "H1'"  H  N N 139 
DT  H3     H  N N 140 
DT  H71    H  N N 141 
DT  H72    H  N N 142 
DT  H73    H  N N 143 
DT  H6     H  N N 144 
HOH O      O  N N 145 
HOH H1     H  N N 146 
HOH H2     H  N N 147 
# 
loop_
_chem_comp_bond.comp_id 
_chem_comp_bond.atom_id_1 
_chem_comp_bond.atom_id_2 
_chem_comp_bond.value_order 
_chem_comp_bond.pdbx_aromatic_flag 
_chem_comp_bond.pdbx_stereo_config 
_chem_comp_bond.pdbx_ordinal 
DA  OP3   P      sing N N 1   
DA  OP3   HOP3   sing N N 2   
DA  P     OP1    doub N N 3   
DA  P     OP2    sing N N 4   
DA  P     "O5'"  sing N N 5   
DA  OP2   HOP2   sing N N 6   
DA  "O5'" "C5'"  sing N N 7   
DA  "C5'" "C4'"  sing N N 8   
DA  "C5'" "H5'"  sing N N 9   
DA  "C5'" "H5''" sing N N 10  
DA  "C4'" "O4'"  sing N N 11  
DA  "C4'" "C3'"  sing N N 12  
DA  "C4'" "H4'"  sing N N 13  
DA  "O4'" "C1'"  sing N N 14  
DA  "C3'" "O3'"  sing N N 15  
DA  "C3'" "C2'"  sing N N 16  
DA  "C3'" "H3'"  sing N N 17  
DA  "O3'" "HO3'" sing N N 18  
DA  "C2'" "C1'"  sing N N 19  
DA  "C2'" "H2'"  sing N N 20  
DA  "C2'" "H2''" sing N N 21  
DA  "C1'" N9     sing N N 22  
DA  "C1'" "H1'"  sing N N 23  
DA  N9    C8     sing Y N 24  
DA  N9    C4     sing Y N 25  
DA  C8    N7     doub Y N 26  
DA  C8    H8     sing N N 27  
DA  N7    C5     sing Y N 28  
DA  C5    C6     sing Y N 29  
DA  C5    C4     doub Y N 30  
DA  C6    N6     sing N N 31  
DA  C6    N1     doub Y N 32  
DA  N6    H61    sing N N 33  
DA  N6    H62    sing N N 34  
DA  N1    C2     sing Y N 35  
DA  C2    N3     doub Y N 36  
DA  C2    H2     sing N N 37  
DA  N3    C4     sing Y N 38  
DC  OP3   P      sing N N 39  
DC  OP3   HOP3   sing N N 40  
DC  P     OP1    doub N N 41  
DC  P     OP2    sing N N 42  
DC  P     "O5'"  sing N N 43  
DC  OP2   HOP2   sing N N 44  
DC  "O5'" "C5'"  sing N N 45  
DC  "C5'" "C4'"  sing N N 46  
DC  "C5'" "H5'"  sing N N 47  
DC  "C5'" "H5''" sing N N 48  
DC  "C4'" "O4'"  sing N N 49  
DC  "C4'" "C3'"  sing N N 50  
DC  "C4'" "H4'"  sing N N 51  
DC  "O4'" "C1'"  sing N N 52  
DC  "C3'" "O3'"  sing N N 53  
DC  "C3'" "C2'"  sing N N 54  
DC  "C3'" "H3'"  sing N N 55  
DC  "O3'" "HO3'" sing N N 56  
DC  "C2'" "C1'"  sing N N 57  
DC  "C2'" "H2'"  sing N N 58  
DC  "C2'" "H2''" sing N N 59  
DC  "C1'" N1     sing N N 60  
DC  "C1'" "H1'"  sing N N 61  
DC  N1    C2     sing N N 62  
DC  N1    C6     sing N N 63  
DC  C2    O2     doub N N 64  
DC  C2    N3     sing N N 65  
DC  N3    C4     doub N N 66  
DC  C4    N4     sing N N 67  
DC  C4    C5     sing N N 68  
DC  N4    H41    sing N N 69  
DC  N4    H42    sing N N 70  
DC  C5    C6     doub N N 71  
DC  C5    H5     sing N N 72  
DC  C6    H6     sing N N 73  
DG  OP3   P      sing N N 74  
DG  OP3   HOP3   sing N N 75  
DG  P     OP1    doub N N 76  
DG  P     OP2    sing N N 77  
DG  P     "O5'"  sing N N 78  
DG  OP2   HOP2   sing N N 79  
DG  "O5'" "C5'"  sing N N 80  
DG  "C5'" "C4'"  sing N N 81  
DG  "C5'" "H5'"  sing N N 82  
DG  "C5'" "H5''" sing N N 83  
DG  "C4'" "O4'"  sing N N 84  
DG  "C4'" "C3'"  sing N N 85  
DG  "C4'" "H4'"  sing N N 86  
DG  "O4'" "C1'"  sing N N 87  
DG  "C3'" "O3'"  sing N N 88  
DG  "C3'" "C2'"  sing N N 89  
DG  "C3'" "H3'"  sing N N 90  
DG  "O3'" "HO3'" sing N N 91  
DG  "C2'" "C1'"  sing N N 92  
DG  "C2'" "H2'"  sing N N 93  
DG  "C2'" "H2''" sing N N 94  
DG  "C1'" N9     sing N N 95  
DG  "C1'" "H1'"  sing N N 96  
DG  N9    C8     sing Y N 97  
DG  N9    C4     sing Y N 98  
DG  C8    N7     doub Y N 99  
DG  C8    H8     sing N N 100 
DG  N7    C5     sing Y N 101 
DG  C5    C6     sing N N 102 
DG  C5    C4     doub Y N 103 
DG  C6    O6     doub N N 104 
DG  C6    N1     sing N N 105 
DG  N1    C2     sing N N 106 
DG  N1    H1     sing N N 107 
DG  C2    N2     sing N N 108 
DG  C2    N3     doub N N 109 
DG  N2    H21    sing N N 110 
DG  N2    H22    sing N N 111 
DG  N3    C4     sing N N 112 
DT  OP3   P      sing N N 113 
DT  OP3   HOP3   sing N N 114 
DT  P     OP1    doub N N 115 
DT  P     OP2    sing N N 116 
DT  P     "O5'"  sing N N 117 
DT  OP2   HOP2   sing N N 118 
DT  "O5'" "C5'"  sing N N 119 
DT  "C5'" "C4'"  sing N N 120 
DT  "C5'" "H5'"  sing N N 121 
DT  "C5'" "H5''" sing N N 122 
DT  "C4'" "O4'"  sing N N 123 
DT  "C4'" "C3'"  sing N N 124 
DT  "C4'" "H4'"  sing N N 125 
DT  "O4'" "C1'"  sing N N 126 
DT  "C3'" "O3'"  sing N N 127 
DT  "C3'" "C2'"  sing N N 128 
DT  "C3'" "H3'"  sing N N 129 
DT  "O3'" "HO3'" sing N N 130 
DT  "C2'" "C1'"  sing N N 131 
DT  "C2'" "H2'"  sing N N 132 
DT  "C2'" "H2''" sing N N 133 
DT  "C1'" N1     sing N N 134 
DT  "C1'" "H1'"  sing N N 135 
DT  N1    C2     sing N N 136 
DT  N1    C6     sing N N 137 
DT  C2    O2     doub N N 138 
DT  C2    N3     sing N N 139 
DT  N3    C4     sing N N 140 
DT  N3    H3     sing N N 141 
DT  C4    O4     doub N N 142 
DT  C4    C5     sing N N 143 
DT  C5    C7     sing N N 144 
DT  C5    C6     doub N N 145 
DT  C7    H71    sing N N 146 
DT  C7    H72    sing N N 147 
DT  C7    H73    sing N N 148 
DT  C6    H6     sing N N 149 
HOH O     H1     sing N N 150 
HOH O     H2     sing N N 151 
# 
_ndb_struct_conf_na.entry_id   3T8P 
_ndb_struct_conf_na.feature    'b-form double helix' 
# 
loop_
_ndb_struct_na_base_pair.model_number 
_ndb_struct_na_base_pair.i_label_asym_id 
_ndb_struct_na_base_pair.i_label_comp_id 
_ndb_struct_na_base_pair.i_label_seq_id 
_ndb_struct_na_base_pair.i_symmetry 
_ndb_struct_na_base_pair.j_label_asym_id 
_ndb_struct_na_base_pair.j_label_comp_id 
_ndb_struct_na_base_pair.j_label_seq_id 
_ndb_struct_na_base_pair.j_symmetry 
_ndb_struct_na_base_pair.shear 
_ndb_struct_na_base_pair.stretch 
_ndb_struct_na_base_pair.stagger 
_ndb_struct_na_base_pair.buckle 
_ndb_struct_na_base_pair.propeller 
_ndb_struct_na_base_pair.opening 
_ndb_struct_na_base_pair.pair_number 
_ndb_struct_na_base_pair.pair_name 
_ndb_struct_na_base_pair.i_auth_asym_id 
_ndb_struct_na_base_pair.i_auth_seq_id 
_ndb_struct_na_base_pair.i_PDB_ins_code 
_ndb_struct_na_base_pair.j_auth_asym_id 
_ndb_struct_na_base_pair.j_auth_seq_id 
_ndb_struct_na_base_pair.j_PDB_ins_code 
_ndb_struct_na_base_pair.hbond_type_28 
_ndb_struct_na_base_pair.hbond_type_12 
1 A DC 1 1_555 B DG 10 1_555 -0.290 0.040  0.295  2.428   -19.724 5.192  1 A_DC1:DG20_B A 1 ? B 20 ? 19 1 
1 A DG 2 1_555 B DC 9  1_555 1.159  -0.222 -0.016 4.334   -9.138  8.955  2 A_DG2:DC19_B A 2 ? B 19 ? 19 1 
1 A DG 3 1_555 B DC 8  1_555 -0.913 -0.470 0.651  15.103  -9.236  -0.957 3 A_DG3:DC18_B A 3 ? B 18 ? 19 1 
1 A DG 4 1_555 B DC 7  1_555 -0.054 -0.126 0.366  -2.580  -17.584 -2.552 4 A_DG4:DC17_B A 4 ? B 17 ? 19 1 
1 A DT 5 1_555 B DA 6  1_555 -0.276 -0.259 -0.445 -0.109  -31.162 -2.463 5 A_DT5:DA16_B A 5 ? B 16 ? 20 1 
1 A DA 6 1_555 B DT 5  1_555 -0.999 0.260  -0.101 -14.263 -28.346 11.149 6 A_DA6:DT15_B A 6 ? B 15 ? ?  ? 
# 
loop_
_ndb_struct_na_base_pair_step.model_number 
_ndb_struct_na_base_pair_step.i_label_asym_id_1 
_ndb_struct_na_base_pair_step.i_label_comp_id_1 
_ndb_struct_na_base_pair_step.i_label_seq_id_1 
_ndb_struct_na_base_pair_step.i_symmetry_1 
_ndb_struct_na_base_pair_step.j_label_asym_id_1 
_ndb_struct_na_base_pair_step.j_label_comp_id_1 
_ndb_struct_na_base_pair_step.j_label_seq_id_1 
_ndb_struct_na_base_pair_step.j_symmetry_1 
_ndb_struct_na_base_pair_step.i_label_asym_id_2 
_ndb_struct_na_base_pair_step.i_label_comp_id_2 
_ndb_struct_na_base_pair_step.i_label_seq_id_2 
_ndb_struct_na_base_pair_step.i_symmetry_2 
_ndb_struct_na_base_pair_step.j_label_asym_id_2 
_ndb_struct_na_base_pair_step.j_label_comp_id_2 
_ndb_struct_na_base_pair_step.j_label_seq_id_2 
_ndb_struct_na_base_pair_step.j_symmetry_2 
_ndb_struct_na_base_pair_step.shift 
_ndb_struct_na_base_pair_step.slide 
_ndb_struct_na_base_pair_step.rise 
_ndb_struct_na_base_pair_step.tilt 
_ndb_struct_na_base_pair_step.roll 
_ndb_struct_na_base_pair_step.twist 
_ndb_struct_na_base_pair_step.x_displacement 
_ndb_struct_na_base_pair_step.y_displacement 
_ndb_struct_na_base_pair_step.helical_rise 
_ndb_struct_na_base_pair_step.inclination 
_ndb_struct_na_base_pair_step.tip 
_ndb_struct_na_base_pair_step.helical_twist 
_ndb_struct_na_base_pair_step.step_number 
_ndb_struct_na_base_pair_step.step_name 
_ndb_struct_na_base_pair_step.i_auth_asym_id_1 
_ndb_struct_na_base_pair_step.i_auth_seq_id_1 
_ndb_struct_na_base_pair_step.i_PDB_ins_code_1 
_ndb_struct_na_base_pair_step.j_auth_asym_id_1 
_ndb_struct_na_base_pair_step.j_auth_seq_id_1 
_ndb_struct_na_base_pair_step.j_PDB_ins_code_1 
_ndb_struct_na_base_pair_step.i_auth_asym_id_2 
_ndb_struct_na_base_pair_step.i_auth_seq_id_2 
_ndb_struct_na_base_pair_step.i_PDB_ins_code_2 
_ndb_struct_na_base_pair_step.j_auth_asym_id_2 
_ndb_struct_na_base_pair_step.j_auth_seq_id_2 
_ndb_struct_na_base_pair_step.j_PDB_ins_code_2 
1 A DC 1 1_555 B DG 10 1_555 A DG 2 1_555 B DC 9 1_555 0.177  2.897 3.486 5.620  4.619  49.789 3.043 0.237  3.721 5.453  -6.635 
50.284 1 AA_DC1DG2:DC19DG20_BB A 1 ? B 20 ? A 2 ? B 19 ? 
1 A DG 2 1_555 B DC 9  1_555 A DG 3 1_555 B DC 8 1_555 -0.744 1.312 3.201 -7.268 -1.450 21.404 3.872 -0.755 3.181 -3.762 18.854 
22.637 2 AA_DG2DG3:DC18DC19_BB A 2 ? B 19 ? A 3 ? B 18 ? 
1 A DG 3 1_555 B DC 8  1_555 A DG 4 1_555 B DC 7 1_555 -0.690 2.098 3.996 -0.923 -0.943 48.796 2.626 0.750  3.969 -1.142 1.117  
48.812 3 AA_DG3DG4:DC17DC18_BB A 3 ? B 18 ? A 4 ? B 17 ? 
1 A DG 4 1_555 B DC 7  1_555 A DT 5 1_555 B DA 6 1_555 -0.078 0.348 3.171 4.689  0.038  31.024 0.636 0.998  3.126 0.071  -8.703 
31.368 4 AA_DG4DT5:DA16DC17_BB A 4 ? B 17 ? A 5 ? B 16 ? 
1 A DT 5 1_555 B DA 6  1_555 A DA 6 1_555 B DT 5 1_555 0.213  1.451 3.595 -6.250 7.388  35.951 1.155 -1.282 3.723 11.711 9.907  
37.189 5 AA_DT5DA6:DT15DA16_BB A 5 ? B 16 ? A 6 ? B 15 ? 
# 
loop_
_pdbx_entity_nonpoly.entity_id 
_pdbx_entity_nonpoly.name 
_pdbx_entity_nonpoly.comp_id 
2 'CALCIUM ION' CA  
3 water         HOH 
# 
_pdbx_initial_refinement_model.id               1 
_pdbx_initial_refinement_model.entity_id_list   ? 
_pdbx_initial_refinement_model.type             'experimental model' 
_pdbx_initial_refinement_model.source_name      PDB 
_pdbx_initial_refinement_model.accession_code   1NT8 
_pdbx_initial_refinement_model.details          'PDB ENTRY 1NT8' 
# 
